data_5HGA
#
_entry.id   5HGA
#
_cell.length_a   64.838
_cell.length_b   86.913
_cell.length_c   151.441
_cell.angle_alpha   90.00
_cell.angle_beta   90.00
_cell.angle_gamma   90.00
#
_symmetry.space_group_name_H-M   'P 21 21 21'
#
loop_
_entity.id
_entity.type
_entity.pdbx_description
1 polymer 'HLA class I histocompatibility antigen, A-24 alpha chain'
2 polymer Beta-2-microglobulin
3 polymer '8-mer from Protein Nef'
4 water water
#
loop_
_entity_poly.entity_id
_entity_poly.type
_entity_poly.pdbx_seq_one_letter_code
_entity_poly.pdbx_strand_id
1 'polypeptide(L)'
;MGSHSMRYFSTSVSRPGRGEPRFIAVGYVDDTQFVRFDSDAASQRMEPRAPWIEQEGPEYWDEETGKVKAHSQTDRENLR
IALRYYNQSEAGSHTLQMMFGCDVGSDGRFLRGYHQYAYDGKDYIALKEDLRSWTAADMAAQITKRKWEAAHVAEQQRAY
LEGTCVDGLRRYLENGKETLQRTDPPKTHMTHHPISDHEATLRCWALGFYPAEITLTWQRDGEDQTQDTELVETRPAGDG
TFQKWAAVVVPSGEEQRYTCHVQHEGLPKPLTLRW
;
A,D
2 'polypeptide(L)'
;MIQRTPKIQVYSRHPAENGKSNFLNCYVSGFHPSDIEVDLLKNGERIEKVEHSDLSFSKDWSFYLLYYTEFTPTEKDEYA
CRVNHVTLSQPKIVKWDRDM
;
B,E
3 'polypeptide(L)' RFPLTFGW C,F
#
# COMPACT_ATOMS: atom_id res chain seq x y z
N GLY A 2 -19.72 9.48 -7.49
CA GLY A 2 -19.20 10.22 -8.63
C GLY A 2 -19.48 9.53 -9.95
N SER A 3 -19.04 10.14 -11.04
CA SER A 3 -19.14 9.57 -12.37
C SER A 3 -18.36 8.25 -12.47
N HIS A 4 -18.71 7.43 -13.44
CA HIS A 4 -17.95 6.22 -13.72
C HIS A 4 -17.76 6.08 -15.22
N SER A 5 -16.81 5.25 -15.62
CA SER A 5 -16.49 5.08 -17.03
C SER A 5 -16.19 3.62 -17.37
N MET A 6 -16.49 3.24 -18.61
CA MET A 6 -16.02 1.98 -19.17
C MET A 6 -15.24 2.31 -20.44
N ARG A 7 -14.08 1.68 -20.59
CA ARG A 7 -13.20 1.92 -21.73
C ARG A 7 -12.65 0.62 -22.29
N TYR A 8 -12.56 0.52 -23.61
CA TYR A 8 -11.79 -0.53 -24.23
C TYR A 8 -10.73 0.17 -25.06
N PHE A 9 -9.50 -0.32 -24.94
CA PHE A 9 -8.39 0.20 -25.72
C PHE A 9 -7.85 -0.95 -26.53
N SER A 10 -7.52 -0.70 -27.78
CA SER A 10 -6.90 -1.74 -28.58
C SER A 10 -5.76 -1.14 -29.36
N THR A 11 -4.73 -1.95 -29.57
CA THR A 11 -3.58 -1.58 -30.37
C THR A 11 -3.24 -2.74 -31.30
N SER A 12 -3.11 -2.43 -32.59
CA SER A 12 -2.54 -3.37 -33.55
C SER A 12 -1.25 -2.78 -34.09
N VAL A 13 -0.18 -3.56 -34.06
CA VAL A 13 1.11 -3.11 -34.56
C VAL A 13 1.52 -4.09 -35.63
N SER A 14 1.66 -3.61 -36.87
CA SER A 14 2.04 -4.49 -37.97
C SER A 14 3.53 -4.82 -37.87
N ARG A 15 3.87 -6.04 -38.24
CA ARG A 15 5.28 -6.44 -38.20
C ARG A 15 5.62 -7.15 -39.50
N PRO A 16 5.83 -6.34 -40.55
CA PRO A 16 6.05 -6.84 -41.91
C PRO A 16 7.24 -7.79 -41.94
N GLY A 17 7.03 -8.96 -42.51
CA GLY A 17 8.09 -9.96 -42.60
C GLY A 17 8.14 -10.85 -41.37
N ARG A 18 7.34 -10.54 -40.35
CA ARG A 18 7.37 -11.31 -39.12
C ARG A 18 5.98 -11.80 -38.73
N GLY A 19 5.10 -11.95 -39.71
CA GLY A 19 3.80 -12.51 -39.40
C GLY A 19 2.70 -11.47 -39.36
N GLU A 20 1.61 -11.81 -38.68
CA GLU A 20 0.43 -10.98 -38.62
C GLU A 20 0.64 -9.92 -37.54
N PRO A 21 -0.13 -8.82 -37.60
CA PRO A 21 0.00 -7.76 -36.60
C PRO A 21 -0.13 -8.25 -35.16
N ARG A 22 0.69 -7.72 -34.26
CA ARG A 22 0.47 -7.92 -32.84
C ARG A 22 -0.79 -7.18 -32.44
N PHE A 23 -1.70 -7.84 -31.72
CA PHE A 23 -2.95 -7.21 -31.33
C PHE A 23 -3.18 -7.37 -29.84
N ILE A 24 -3.41 -6.25 -29.16
CA ILE A 24 -3.66 -6.25 -27.72
C ILE A 24 -4.85 -5.36 -27.38
N ALA A 25 -5.83 -5.93 -26.69
CA ALA A 25 -7.00 -5.16 -26.26
C ALA A 25 -7.15 -5.29 -24.75
N VAL A 26 -7.57 -4.21 -24.10
CA VAL A 26 -7.83 -4.23 -22.67
C VAL A 26 -9.13 -3.51 -22.36
N GLY A 27 -9.81 -3.96 -21.31
CA GLY A 27 -11.01 -3.29 -20.85
C GLY A 27 -10.85 -2.77 -19.44
N TYR A 28 -11.40 -1.58 -19.19
CA TYR A 28 -11.37 -0.90 -17.89
C TYR A 28 -12.76 -0.46 -17.46
N VAL A 29 -13.04 -0.59 -16.16
CA VAL A 29 -14.08 0.18 -15.48
C VAL A 29 -13.35 1.18 -14.58
N ASP A 30 -13.54 2.48 -14.83
CA ASP A 30 -12.73 3.50 -14.19
C ASP A 30 -11.23 3.21 -14.36
N ASP A 31 -10.51 3.06 -13.25
CA ASP A 31 -9.07 2.80 -13.32
C ASP A 31 -8.76 1.34 -12.98
N THR A 32 -9.77 0.49 -13.09
CA THR A 32 -9.63 -0.95 -12.82
C THR A 32 -9.78 -1.78 -14.09
N GLN A 33 -8.70 -2.43 -14.50
CA GLN A 33 -8.73 -3.32 -15.67
C GLN A 33 -9.53 -4.56 -15.30
N PHE A 34 -10.37 -5.05 -16.21
CA PHE A 34 -11.13 -6.27 -15.94
C PHE A 34 -11.01 -7.37 -17.00
N VAL A 35 -10.62 -7.01 -18.22
CA VAL A 35 -10.45 -7.99 -19.29
C VAL A 35 -9.26 -7.67 -20.18
N ARG A 36 -8.79 -8.69 -20.90
CA ARG A 36 -7.72 -8.49 -21.88
C ARG A 36 -7.77 -9.55 -22.99
N PHE A 37 -7.15 -9.23 -24.11
CA PHE A 37 -6.90 -10.20 -25.17
C PHE A 37 -5.53 -9.90 -25.76
N ASP A 38 -4.67 -10.92 -25.85
CA ASP A 38 -3.36 -10.76 -26.46
C ASP A 38 -3.16 -11.80 -27.55
N SER A 39 -2.98 -11.32 -28.78
CA SER A 39 -2.89 -12.19 -29.95
C SER A 39 -1.71 -13.17 -29.87
N ASP A 40 -0.71 -12.84 -29.08
CA ASP A 40 0.49 -13.66 -28.98
C ASP A 40 0.43 -14.58 -27.75
N ALA A 41 -0.69 -14.55 -27.04
CA ALA A 41 -0.88 -15.39 -25.87
C ALA A 41 -1.51 -16.73 -26.23
N ALA A 42 -1.54 -17.66 -25.28
CA ALA A 42 -1.95 -19.03 -25.55
C ALA A 42 -3.44 -19.22 -25.79
N SER A 43 -4.27 -18.58 -24.98
CA SER A 43 -5.69 -18.89 -24.95
C SER A 43 -6.45 -18.55 -26.23
N GLN A 44 -6.03 -17.46 -26.89
CA GLN A 44 -6.82 -16.88 -27.98
C GLN A 44 -8.26 -16.61 -27.55
N ARG A 45 -8.42 -16.29 -26.28
CA ARG A 45 -9.71 -15.94 -25.70
C ARG A 45 -9.62 -14.59 -24.98
N MET A 46 -10.76 -13.93 -24.81
CA MET A 46 -10.81 -12.81 -23.89
C MET A 46 -10.67 -13.43 -22.50
N GLU A 47 -9.82 -12.83 -21.67
CA GLU A 47 -9.52 -13.37 -20.35
C GLU A 47 -9.86 -12.37 -19.25
N PRO A 48 -10.32 -12.89 -18.09
CA PRO A 48 -10.64 -12.06 -16.94
C PRO A 48 -9.38 -11.45 -16.31
N ARG A 49 -9.51 -10.24 -15.76
CA ARG A 49 -8.40 -9.58 -15.08
C ARG A 49 -8.85 -8.94 -13.77
N ALA A 50 -10.14 -9.08 -13.48
CA ALA A 50 -10.69 -8.67 -12.20
C ALA A 50 -11.61 -9.78 -11.70
N PRO A 51 -11.63 -10.02 -10.39
CA PRO A 51 -12.42 -11.11 -9.81
C PRO A 51 -13.92 -11.02 -10.08
N TRP A 52 -14.46 -9.80 -10.15
CA TRP A 52 -15.91 -9.64 -10.31
C TRP A 52 -16.44 -9.90 -11.71
N ILE A 53 -15.54 -10.09 -12.68
CA ILE A 53 -15.98 -10.40 -14.05
C ILE A 53 -15.96 -11.91 -14.25
N GLU A 54 -15.25 -12.61 -13.35
CA GLU A 54 -15.08 -14.06 -13.45
C GLU A 54 -16.41 -14.81 -13.29
N GLN A 55 -17.37 -14.17 -12.64
CA GLN A 55 -18.67 -14.79 -12.40
C GLN A 55 -19.54 -14.83 -13.66
N GLU A 56 -19.17 -14.05 -14.67
CA GLU A 56 -19.87 -14.07 -15.96
C GLU A 56 -19.81 -15.47 -16.56
N GLY A 57 -20.90 -15.90 -17.18
CA GLY A 57 -21.00 -17.24 -17.75
C GLY A 57 -20.22 -17.43 -19.03
N PRO A 58 -20.22 -18.66 -19.56
CA PRO A 58 -19.46 -19.01 -20.77
C PRO A 58 -19.99 -18.33 -22.04
N GLU A 59 -21.27 -17.99 -22.06
CA GLU A 59 -21.82 -17.21 -23.17
C GLU A 59 -21.10 -15.88 -23.31
N TYR A 60 -20.97 -15.18 -22.18
CA TYR A 60 -20.25 -13.91 -22.13
C TYR A 60 -18.87 -14.05 -22.78
N TRP A 61 -18.09 -14.99 -22.27
CA TRP A 61 -16.72 -15.18 -22.73
C TRP A 61 -16.63 -15.55 -24.21
N ASP A 62 -17.60 -16.36 -24.67
CA ASP A 62 -17.69 -16.69 -26.07
C ASP A 62 -17.97 -15.45 -26.95
N GLU A 63 -19.01 -14.70 -26.60
CA GLU A 63 -19.40 -13.51 -27.37
C GLU A 63 -18.28 -12.48 -27.41
N GLU A 64 -17.68 -12.24 -26.27
CA GLU A 64 -16.63 -11.23 -26.16
C GLU A 64 -15.38 -11.66 -26.92
N THR A 65 -15.01 -12.94 -26.78
CA THR A 65 -13.90 -13.48 -27.57
C THR A 65 -14.18 -13.31 -29.07
N GLY A 66 -15.40 -13.63 -29.48
CA GLY A 66 -15.77 -13.49 -30.89
C GLY A 66 -15.63 -12.07 -31.40
N LYS A 67 -16.18 -11.12 -30.65
CA LYS A 67 -16.10 -9.71 -31.03
C LYS A 67 -14.67 -9.16 -31.04
N VAL A 68 -13.86 -9.57 -30.07
CA VAL A 68 -12.51 -9.03 -30.00
C VAL A 68 -11.65 -9.60 -31.14
N LYS A 69 -11.86 -10.88 -31.46
CA LYS A 69 -11.16 -11.50 -32.60
C LYS A 69 -11.58 -10.87 -33.92
N ALA A 70 -12.88 -10.65 -34.07
CA ALA A 70 -13.39 -9.99 -35.27
C ALA A 70 -12.73 -8.64 -35.43
N HIS A 71 -12.67 -7.89 -34.34
CA HIS A 71 -12.00 -6.59 -34.33
C HIS A 71 -10.52 -6.68 -34.73
N SER A 72 -9.81 -7.69 -34.23
CA SER A 72 -8.40 -7.84 -34.63
C SER A 72 -8.25 -8.09 -36.12
N GLN A 73 -9.16 -8.88 -36.68
CA GLN A 73 -9.16 -9.14 -38.12
C GLN A 73 -9.43 -7.89 -38.97
N THR A 74 -10.48 -7.15 -38.61
CA THR A 74 -10.70 -5.90 -39.34
C THR A 74 -9.57 -4.89 -39.14
N ASP A 75 -8.92 -4.91 -37.96
CA ASP A 75 -7.71 -4.10 -37.74
C ASP A 75 -6.59 -4.45 -38.73
N ARG A 76 -6.38 -5.74 -38.93
CA ARG A 76 -5.42 -6.23 -39.94
C ARG A 76 -5.69 -5.62 -41.33
N GLU A 77 -6.96 -5.72 -41.74
CA GLU A 77 -7.31 -5.14 -43.04
C GLU A 77 -7.18 -3.61 -43.03
N ASN A 78 -7.52 -2.98 -41.91
CA ASN A 78 -7.38 -1.54 -41.76
C ASN A 78 -5.95 -1.08 -41.96
N LEU A 79 -5.01 -1.84 -41.42
CA LEU A 79 -3.60 -1.56 -41.64
C LEU A 79 -3.27 -1.62 -43.13
N ARG A 80 -3.71 -2.68 -43.81
CA ARG A 80 -3.50 -2.74 -45.27
C ARG A 80 -4.07 -1.54 -46.05
N ILE A 81 -5.34 -1.24 -45.77
CA ILE A 81 -6.02 -0.13 -46.40
C ILE A 81 -5.29 1.19 -46.18
N ALA A 82 -4.87 1.45 -44.93
CA ALA A 82 -4.18 2.70 -44.62
C ALA A 82 -2.90 2.78 -45.43
N LEU A 83 -2.21 1.65 -45.55
CA LEU A 83 -1.05 1.58 -46.43
C LEU A 83 -1.42 2.08 -47.82
N ARG A 84 -2.58 1.68 -48.33
CA ARG A 84 -3.00 2.23 -49.64
C ARG A 84 -3.34 3.73 -49.63
N TYR A 85 -4.08 4.17 -48.61
CA TYR A 85 -4.56 5.55 -48.53
C TYR A 85 -3.41 6.54 -48.54
N TYR A 86 -2.33 6.19 -47.82
CA TYR A 86 -1.20 7.11 -47.66
C TYR A 86 -0.09 6.82 -48.66
N ASN A 87 -0.21 5.71 -49.39
CA ASN A 87 0.89 5.22 -50.21
C ASN A 87 2.16 5.07 -49.38
N GLN A 88 2.07 4.30 -48.31
CA GLN A 88 3.24 4.03 -47.46
C GLN A 88 3.86 2.69 -47.80
N SER A 89 5.16 2.55 -47.55
CA SER A 89 5.85 1.30 -47.87
C SER A 89 5.37 0.14 -47.00
N GLU A 90 5.25 -1.04 -47.61
CA GLU A 90 4.81 -2.24 -46.90
C GLU A 90 5.88 -2.77 -45.97
N ALA A 91 7.07 -2.16 -46.01
CA ALA A 91 8.17 -2.57 -45.16
C ALA A 91 8.10 -1.93 -43.78
N GLY A 92 7.34 -0.86 -43.65
CA GLY A 92 7.28 -0.12 -42.39
C GLY A 92 6.25 -0.63 -41.41
N SER A 93 6.61 -0.68 -40.14
CA SER A 93 5.65 -1.03 -39.09
C SER A 93 4.74 0.14 -38.76
N HIS A 94 3.44 -0.13 -38.62
CA HIS A 94 2.50 0.94 -38.24
C HIS A 94 1.57 0.53 -37.11
N THR A 95 0.99 1.53 -36.46
CA THR A 95 0.22 1.33 -35.24
C THR A 95 -1.20 1.84 -35.44
N LEU A 96 -2.17 1.05 -35.00
CA LEU A 96 -3.56 1.47 -35.07
C LEU A 96 -4.13 1.33 -33.67
N GLN A 97 -4.63 2.44 -33.14
CA GLN A 97 -5.15 2.44 -31.79
C GLN A 97 -6.63 2.80 -31.81
N MET A 98 -7.38 2.17 -30.92
CA MET A 98 -8.79 2.49 -30.78
C MET A 98 -9.14 2.63 -29.32
N MET A 99 -9.94 3.64 -29.03
CA MET A 99 -10.54 3.77 -27.73
C MET A 99 -12.04 3.78 -27.96
N PHE A 100 -12.77 3.09 -27.10
CA PHE A 100 -14.22 3.04 -27.17
C PHE A 100 -14.76 3.07 -25.75
N GLY A 101 -15.90 3.71 -25.52
CA GLY A 101 -16.55 3.50 -24.23
C GLY A 101 -17.56 4.56 -23.80
N CYS A 102 -18.04 4.44 -22.57
CA CYS A 102 -19.10 5.35 -22.10
C CYS A 102 -18.86 5.86 -20.69
N ASP A 103 -19.33 7.07 -20.42
CA ASP A 103 -19.34 7.64 -19.08
C ASP A 103 -20.78 7.73 -18.59
N VAL A 104 -21.00 7.28 -17.36
CA VAL A 104 -22.27 7.49 -16.66
C VAL A 104 -22.06 8.37 -15.43
N GLY A 105 -23.14 8.91 -14.87
CA GLY A 105 -23.04 9.77 -13.70
C GLY A 105 -23.26 9.01 -12.41
N SER A 106 -23.46 9.75 -11.31
CA SER A 106 -23.55 9.16 -9.98
C SER A 106 -24.66 8.11 -9.79
N ASP A 107 -25.81 8.34 -10.41
CA ASP A 107 -26.92 7.39 -10.30
C ASP A 107 -27.01 6.45 -11.51
N GLY A 108 -26.00 6.49 -12.37
CA GLY A 108 -25.94 5.56 -13.48
C GLY A 108 -26.53 6.03 -14.80
N ARG A 109 -26.72 7.33 -14.95
CA ARG A 109 -27.30 7.85 -16.18
C ARG A 109 -26.23 8.20 -17.19
N PHE A 110 -26.55 8.02 -18.47
CA PHE A 110 -25.61 8.23 -19.56
C PHE A 110 -25.07 9.64 -19.53
N LEU A 111 -23.75 9.76 -19.64
CA LEU A 111 -23.13 11.08 -19.65
C LEU A 111 -22.50 11.32 -21.00
N ARG A 112 -21.70 10.36 -21.47
CA ARG A 112 -20.95 10.57 -22.71
C ARG A 112 -20.56 9.26 -23.37
N GLY A 113 -20.26 9.33 -24.66
CA GLY A 113 -19.88 8.16 -25.44
C GLY A 113 -18.67 8.50 -26.29
N TYR A 114 -17.79 7.52 -26.48
CA TYR A 114 -16.55 7.71 -27.24
C TYR A 114 -16.34 6.53 -28.18
N HIS A 115 -15.85 6.85 -29.38
CA HIS A 115 -15.33 5.86 -30.30
C HIS A 115 -14.35 6.54 -31.25
N GLN A 116 -13.06 6.36 -30.98
CA GLN A 116 -12.05 7.11 -31.73
C GLN A 116 -10.83 6.25 -32.07
N TYR A 117 -10.12 6.68 -33.10
CA TYR A 117 -9.01 5.92 -33.65
C TYR A 117 -7.80 6.81 -33.87
N ALA A 118 -6.62 6.22 -33.71
CA ALA A 118 -5.38 6.86 -34.08
C ALA A 118 -4.63 5.96 -35.06
N TYR A 119 -3.89 6.60 -35.95
CA TYR A 119 -2.97 5.90 -36.82
C TYR A 119 -1.58 6.47 -36.56
N ASP A 120 -0.65 5.60 -36.17
CA ASP A 120 0.71 6.01 -35.83
C ASP A 120 0.77 7.14 -34.79
N GLY A 121 -0.04 7.02 -33.74
CA GLY A 121 0.02 7.98 -32.63
C GLY A 121 -0.73 9.28 -32.85
N LYS A 122 -1.30 9.48 -34.04
CA LYS A 122 -2.12 10.67 -34.32
C LYS A 122 -3.57 10.35 -34.59
N ASP A 123 -4.44 11.26 -34.17
CA ASP A 123 -5.87 11.18 -34.44
C ASP A 123 -6.16 10.81 -35.90
N TYR A 124 -7.01 9.81 -36.10
CA TYR A 124 -7.43 9.44 -37.44
C TYR A 124 -8.89 9.87 -37.66
N ILE A 125 -9.80 9.21 -36.95
CA ILE A 125 -11.22 9.51 -37.06
C ILE A 125 -11.83 9.34 -35.69
N ALA A 126 -12.80 10.18 -35.34
CA ALA A 126 -13.45 10.08 -34.03
C ALA A 126 -14.94 10.36 -34.14
N LEU A 127 -15.75 9.61 -33.39
CA LEU A 127 -17.17 9.92 -33.27
C LEU A 127 -17.30 11.21 -32.45
N LYS A 128 -18.00 12.21 -33.00
CA LYS A 128 -18.23 13.46 -32.28
C LYS A 128 -19.07 13.24 -31.04
N GLU A 129 -19.06 14.22 -30.15
CA GLU A 129 -19.78 14.13 -28.88
C GLU A 129 -21.27 13.92 -29.08
N ASP A 130 -21.83 14.49 -30.15
CA ASP A 130 -23.24 14.34 -30.44
C ASP A 130 -23.61 12.93 -30.90
N LEU A 131 -22.58 12.12 -31.15
CA LEU A 131 -22.75 10.74 -31.57
C LEU A 131 -23.53 10.64 -32.88
N ARG A 132 -23.38 11.65 -33.74
CA ARG A 132 -24.18 11.72 -34.96
C ARG A 132 -23.32 11.88 -36.20
N SER A 133 -22.04 12.19 -35.99
CA SER A 133 -21.12 12.39 -37.11
C SER A 133 -19.67 12.19 -36.71
N TRP A 134 -18.77 12.32 -37.68
CA TRP A 134 -17.37 11.98 -37.48
C TRP A 134 -16.47 13.17 -37.71
N THR A 135 -15.34 13.18 -37.00
CA THR A 135 -14.27 14.12 -37.28
C THR A 135 -13.16 13.32 -37.93
N ALA A 136 -12.77 13.74 -39.13
CA ALA A 136 -11.67 13.10 -39.86
C ALA A 136 -10.47 14.04 -39.78
N ALA A 137 -9.33 13.53 -39.38
CA ALA A 137 -8.18 14.39 -39.09
C ALA A 137 -7.33 14.68 -40.33
N ASP A 138 -7.51 13.87 -41.37
CA ASP A 138 -6.87 14.10 -42.67
C ASP A 138 -7.70 13.53 -43.83
N MET A 139 -7.12 13.46 -45.02
CA MET A 139 -7.85 13.06 -46.24
C MET A 139 -8.19 11.56 -46.31
N ALA A 140 -7.26 10.74 -45.84
CA ALA A 140 -7.49 9.29 -45.76
C ALA A 140 -8.67 9.02 -44.84
N ALA A 141 -8.65 9.67 -43.68
CA ALA A 141 -9.72 9.51 -42.73
C ALA A 141 -11.01 10.05 -43.30
N GLN A 142 -10.90 10.99 -44.24
CA GLN A 142 -12.07 11.51 -44.96
C GLN A 142 -12.69 10.41 -45.81
N ILE A 143 -11.84 9.64 -46.51
CA ILE A 143 -12.35 8.46 -47.22
C ILE A 143 -13.12 7.54 -46.26
N THR A 144 -12.48 7.18 -45.14
CA THR A 144 -13.16 6.33 -44.16
C THR A 144 -14.49 6.91 -43.68
N LYS A 145 -14.50 8.22 -43.48
CA LYS A 145 -15.64 8.96 -42.97
C LYS A 145 -16.81 8.91 -43.96
N ARG A 146 -16.52 9.11 -45.24
CA ARG A 146 -17.54 8.98 -46.28
C ARG A 146 -18.11 7.55 -46.29
N LYS A 147 -17.22 6.57 -46.19
CA LYS A 147 -17.67 5.17 -46.13
C LYS A 147 -18.61 4.91 -44.95
N TRP A 148 -18.28 5.45 -43.78
CA TRP A 148 -19.05 5.17 -42.60
C TRP A 148 -20.37 5.93 -42.59
N GLU A 149 -20.39 7.07 -43.28
CA GLU A 149 -21.63 7.82 -43.45
C GLU A 149 -22.58 7.03 -44.34
N ALA A 150 -22.07 6.57 -45.49
CA ALA A 150 -22.88 5.73 -46.37
C ALA A 150 -23.34 4.45 -45.67
N ALA A 151 -22.48 3.88 -44.83
CA ALA A 151 -22.80 2.62 -44.14
C ALA A 151 -23.74 2.83 -42.96
N HIS A 152 -23.93 4.09 -42.56
CA HIS A 152 -24.70 4.41 -41.36
C HIS A 152 -24.19 3.72 -40.08
N VAL A 153 -22.88 3.73 -39.90
CA VAL A 153 -22.24 3.15 -38.73
C VAL A 153 -22.65 3.88 -37.44
N ALA A 154 -22.75 5.20 -37.54
CA ALA A 154 -23.00 6.02 -36.35
C ALA A 154 -24.31 5.71 -35.61
N GLU A 155 -25.35 5.30 -36.33
CA GLU A 155 -26.62 5.00 -35.68
C GLU A 155 -26.47 3.77 -34.79
N GLN A 156 -25.74 2.79 -35.31
CA GLN A 156 -25.48 1.57 -34.56
C GLN A 156 -24.58 1.88 -33.36
N GLN A 157 -23.49 2.60 -33.60
CA GLN A 157 -22.58 2.91 -32.49
C GLN A 157 -23.26 3.72 -31.39
N ARG A 158 -23.99 4.76 -31.76
CA ARG A 158 -24.70 5.57 -30.78
C ARG A 158 -25.68 4.73 -29.97
N ALA A 159 -26.47 3.91 -30.66
CA ALA A 159 -27.42 3.08 -29.94
C ALA A 159 -26.70 2.11 -28.99
N TYR A 160 -25.54 1.61 -29.41
CA TYR A 160 -24.76 0.70 -28.60
C TYR A 160 -24.21 1.43 -27.36
N LEU A 161 -23.71 2.63 -27.57
CA LEU A 161 -23.13 3.44 -26.50
C LEU A 161 -24.16 3.78 -25.43
N GLU A 162 -25.31 4.29 -25.87
CA GLU A 162 -26.38 4.70 -24.96
C GLU A 162 -27.14 3.54 -24.32
N GLY A 163 -27.09 2.37 -24.96
CA GLY A 163 -27.82 1.21 -24.47
C GLY A 163 -26.93 0.14 -23.90
N THR A 164 -26.33 -0.66 -24.78
CA THR A 164 -25.52 -1.80 -24.35
C THR A 164 -24.34 -1.42 -23.46
N CYS A 165 -23.64 -0.36 -23.82
CA CYS A 165 -22.46 0.06 -23.04
C CYS A 165 -22.85 0.50 -21.62
N VAL A 166 -23.87 1.36 -21.52
CA VAL A 166 -24.36 1.83 -20.22
C VAL A 166 -24.89 0.69 -19.34
N ASP A 167 -25.68 -0.21 -19.91
CA ASP A 167 -26.21 -1.35 -19.17
C ASP A 167 -25.07 -2.27 -18.71
N GLY A 168 -24.08 -2.44 -19.58
CA GLY A 168 -22.91 -3.23 -19.22
C GLY A 168 -22.16 -2.60 -18.06
N LEU A 169 -21.98 -1.29 -18.13
CA LEU A 169 -21.26 -0.57 -17.07
C LEU A 169 -22.00 -0.68 -15.74
N ARG A 170 -23.31 -0.49 -15.75
CA ARG A 170 -24.11 -0.65 -14.54
C ARG A 170 -23.97 -2.05 -13.97
N ARG A 171 -24.01 -3.02 -14.87
CA ARG A 171 -23.85 -4.42 -14.49
C ARG A 171 -22.52 -4.63 -13.75
N TYR A 172 -21.43 -4.19 -14.38
CA TYR A 172 -20.09 -4.37 -13.81
C TYR A 172 -19.93 -3.65 -12.47
N LEU A 173 -20.37 -2.40 -12.41
CA LEU A 173 -20.34 -1.61 -11.18
C LEU A 173 -21.08 -2.31 -10.06
N GLU A 174 -22.23 -2.90 -10.38
CA GLU A 174 -22.97 -3.67 -9.40
C GLU A 174 -22.22 -4.91 -8.93
N ASN A 175 -21.73 -5.72 -9.86
CA ASN A 175 -21.01 -6.94 -9.49
C ASN A 175 -19.68 -6.64 -8.78
N GLY A 176 -19.02 -5.56 -9.17
CA GLY A 176 -17.77 -5.19 -8.55
C GLY A 176 -17.95 -4.12 -7.49
N LYS A 177 -19.17 -4.06 -6.95
CA LYS A 177 -19.58 -3.10 -5.93
C LYS A 177 -18.50 -2.78 -4.91
N GLU A 178 -18.08 -3.82 -4.20
CA GLU A 178 -17.14 -3.70 -3.08
C GLU A 178 -15.85 -2.93 -3.39
N THR A 179 -15.33 -3.09 -4.60
CA THR A 179 -14.07 -2.48 -5.00
C THR A 179 -14.20 -1.25 -5.88
N LEU A 180 -15.19 -1.25 -6.77
CA LEU A 180 -15.33 -0.16 -7.75
C LEU A 180 -15.96 1.11 -7.20
N GLN A 181 -16.80 0.99 -6.17
CA GLN A 181 -17.45 2.17 -5.61
C GLN A 181 -16.68 2.73 -4.41
N ARG A 182 -15.50 2.19 -4.15
CA ARG A 182 -14.66 2.70 -3.08
C ARG A 182 -14.01 3.99 -3.56
N THR A 183 -13.79 4.89 -2.62
CA THR A 183 -12.96 6.04 -2.86
C THR A 183 -11.89 5.94 -1.77
N ASP A 184 -10.62 6.15 -2.15
CA ASP A 184 -9.53 6.04 -1.18
C ASP A 184 -8.78 7.36 -1.13
N PRO A 185 -8.83 8.04 0.01
CA PRO A 185 -8.19 9.35 0.12
C PRO A 185 -6.68 9.20 0.12
N PRO A 186 -5.96 10.23 -0.37
CA PRO A 186 -4.50 10.16 -0.36
C PRO A 186 -3.95 10.30 1.05
N LYS A 187 -2.99 9.45 1.40
CA LYS A 187 -2.17 9.66 2.59
C LYS A 187 -0.99 10.52 2.17
N THR A 188 -0.84 11.68 2.80
CA THR A 188 0.13 12.65 2.33
C THR A 188 1.31 12.72 3.27
N HIS A 189 2.43 13.23 2.75
CA HIS A 189 3.50 13.70 3.63
C HIS A 189 4.53 14.59 2.94
N MET A 190 5.47 15.11 3.71
CA MET A 190 6.47 16.02 3.17
C MET A 190 7.86 15.57 3.53
N THR A 191 8.78 15.70 2.58
CA THR A 191 10.17 15.38 2.80
C THR A 191 11.06 16.58 2.45
N HIS A 192 12.25 16.60 3.01
CA HIS A 192 13.18 17.74 2.89
C HIS A 192 14.55 17.22 2.48
N HIS A 193 15.07 17.74 1.36
CA HIS A 193 16.35 17.27 0.84
C HIS A 193 17.25 18.44 0.43
N PRO A 194 18.19 18.83 1.30
CA PRO A 194 19.09 19.94 0.96
C PRO A 194 19.94 19.56 -0.25
N ILE A 195 20.06 20.45 -1.23
CA ILE A 195 20.87 20.18 -2.42
C ILE A 195 22.19 20.97 -2.36
N SER A 196 22.20 22.01 -1.52
CA SER A 196 23.42 22.77 -1.25
C SER A 196 23.30 23.48 0.09
N ASP A 197 24.13 24.50 0.30
CA ASP A 197 24.15 25.25 1.55
C ASP A 197 23.10 26.36 1.50
N HIS A 198 22.55 26.58 0.31
CA HIS A 198 21.58 27.64 0.10
C HIS A 198 20.25 27.13 -0.48
N GLU A 199 20.22 25.87 -0.91
CA GLU A 199 19.06 25.33 -1.60
C GLU A 199 18.53 24.05 -0.97
N ALA A 200 17.22 23.96 -0.82
CA ALA A 200 16.60 22.73 -0.33
C ALA A 200 15.43 22.31 -1.21
N THR A 201 15.18 21.00 -1.28
CA THR A 201 14.01 20.48 -1.98
C THR A 201 12.90 20.10 -1.01
N LEU A 202 11.72 20.70 -1.18
CA LEU A 202 10.55 20.28 -0.45
C LEU A 202 9.69 19.40 -1.35
N ARG A 203 9.37 18.21 -0.87
CA ARG A 203 8.59 17.26 -1.67
C ARG A 203 7.32 16.80 -0.97
N CYS A 204 6.19 17.06 -1.63
CA CYS A 204 4.87 16.68 -1.15
C CYS A 204 4.41 15.40 -1.84
N TRP A 205 4.01 14.42 -1.03
CA TRP A 205 3.68 13.08 -1.48
C TRP A 205 2.21 12.81 -1.24
N ALA A 206 1.56 12.17 -2.21
CA ALA A 206 0.22 11.63 -2.07
C ALA A 206 0.29 10.15 -2.41
N LEU A 207 -0.21 9.31 -1.51
CA LEU A 207 -0.09 7.85 -1.66
C LEU A 207 -1.40 7.12 -1.36
N GLY A 208 -1.55 5.91 -1.89
CA GLY A 208 -2.65 5.05 -1.50
C GLY A 208 -4.03 5.56 -1.91
N PHE A 209 -4.10 6.38 -2.96
CA PHE A 209 -5.38 6.97 -3.34
C PHE A 209 -6.10 6.29 -4.52
N TYR A 210 -7.43 6.38 -4.50
CA TYR A 210 -8.27 5.92 -5.61
C TYR A 210 -9.57 6.72 -5.59
N PRO A 211 -10.03 7.20 -6.76
CA PRO A 211 -9.49 7.01 -8.11
C PRO A 211 -8.20 7.79 -8.37
N ALA A 212 -7.64 7.63 -9.57
CA ALA A 212 -6.32 8.17 -9.89
C ALA A 212 -6.27 9.68 -10.09
N GLU A 213 -7.41 10.30 -10.37
CA GLU A 213 -7.45 11.74 -10.60
C GLU A 213 -7.14 12.46 -9.30
N ILE A 214 -6.26 13.45 -9.36
CA ILE A 214 -5.80 14.17 -8.17
C ILE A 214 -5.16 15.51 -8.57
N THR A 215 -5.12 16.47 -7.64
CA THR A 215 -4.34 17.71 -7.84
C THR A 215 -3.39 18.00 -6.68
N LEU A 216 -2.11 18.21 -6.99
CA LEU A 216 -1.07 18.53 -6.01
C LEU A 216 -0.45 19.87 -6.36
N THR A 217 -0.57 20.85 -5.47
CA THR A 217 -0.01 22.18 -5.76
C THR A 217 0.84 22.76 -4.64
N TRP A 218 1.84 23.54 -5.00
CA TRP A 218 2.65 24.26 -4.02
C TRP A 218 2.32 25.74 -4.07
N GLN A 219 2.23 26.38 -2.91
CA GLN A 219 2.19 27.84 -2.91
C GLN A 219 3.01 28.49 -1.80
N ARG A 220 3.67 29.58 -2.16
CA ARG A 220 4.50 30.37 -1.26
C ARG A 220 3.70 31.54 -0.73
N ASP A 221 3.50 31.57 0.59
CA ASP A 221 2.63 32.56 1.26
C ASP A 221 1.14 32.38 0.92
N GLY A 222 0.82 32.44 -0.37
CA GLY A 222 -0.53 32.19 -0.84
C GLY A 222 -0.58 32.20 -2.35
N GLU A 223 0.60 32.21 -2.95
CA GLU A 223 0.74 32.36 -4.41
C GLU A 223 1.34 31.11 -5.06
N ASP A 224 0.66 30.58 -6.08
CA ASP A 224 1.09 29.36 -6.78
C ASP A 224 2.54 29.41 -7.30
N GLN A 225 3.21 28.26 -7.31
CA GLN A 225 4.58 28.16 -7.77
C GLN A 225 4.68 27.28 -9.01
N THR A 226 3.56 27.19 -9.75
CA THR A 226 3.35 26.16 -10.77
C THR A 226 4.29 26.11 -11.99
N GLN A 227 5.42 26.80 -11.94
CA GLN A 227 6.45 26.66 -12.98
C GLN A 227 7.78 26.40 -12.30
N ASP A 228 7.75 26.39 -10.98
CA ASP A 228 8.90 26.07 -10.16
C ASP A 228 8.64 24.72 -9.50
N THR A 229 7.40 24.24 -9.63
CA THR A 229 7.02 22.93 -9.12
C THR A 229 7.32 21.85 -10.14
N GLU A 230 8.11 20.85 -9.74
CA GLU A 230 8.21 19.64 -10.54
C GLU A 230 7.07 18.74 -10.14
N LEU A 231 6.45 18.08 -11.10
CA LEU A 231 5.25 17.29 -10.82
C LEU A 231 5.28 16.03 -11.64
N VAL A 232 5.59 14.91 -11.01
CA VAL A 232 5.65 13.62 -11.70
C VAL A 232 4.28 13.06 -12.04
N GLU A 233 4.29 12.11 -12.96
CA GLU A 233 3.09 11.49 -13.49
C GLU A 233 2.51 10.51 -12.49
N THR A 234 1.18 10.50 -12.38
CA THR A 234 0.50 9.62 -11.45
C THR A 234 0.81 8.17 -11.82
N ARG A 235 1.11 7.36 -10.82
CA ARG A 235 1.61 6.01 -11.06
C ARG A 235 0.87 4.99 -10.20
N PRO A 236 0.70 3.78 -10.74
CA PRO A 236 0.01 2.71 -10.00
C PRO A 236 0.93 2.05 -8.98
N ALA A 237 0.40 1.76 -7.80
CA ALA A 237 1.19 1.08 -6.78
C ALA A 237 1.17 -0.42 -7.03
N GLY A 238 0.17 -0.89 -7.79
CA GLY A 238 0.07 -2.30 -8.07
C GLY A 238 -0.98 -2.96 -7.21
N ASP A 239 -1.48 -2.23 -6.21
CA ASP A 239 -2.51 -2.77 -5.32
C ASP A 239 -3.89 -2.19 -5.62
N GLY A 240 -4.00 -1.45 -6.72
CA GLY A 240 -5.26 -0.81 -7.08
C GLY A 240 -5.27 0.66 -6.74
N THR A 241 -4.26 1.12 -6.01
CA THR A 241 -4.14 2.53 -5.64
C THR A 241 -3.05 3.25 -6.45
N PHE A 242 -3.01 4.58 -6.33
CA PHE A 242 -2.05 5.37 -7.11
C PHE A 242 -1.15 6.24 -6.24
N GLN A 243 -0.10 6.79 -6.85
CA GLN A 243 0.93 7.54 -6.13
C GLN A 243 1.30 8.76 -6.95
N LYS A 244 1.62 9.87 -6.29
CA LYS A 244 2.09 11.06 -6.99
C LYS A 244 2.90 11.95 -6.06
N TRP A 245 3.80 12.74 -6.62
CA TRP A 245 4.46 13.78 -5.83
C TRP A 245 4.79 15.07 -6.59
N ALA A 246 4.92 16.16 -5.82
CA ALA A 246 5.25 17.48 -6.35
C ALA A 246 6.36 18.08 -5.51
N ALA A 247 7.34 18.69 -6.16
CA ALA A 247 8.49 19.24 -5.45
C ALA A 247 8.71 20.71 -5.79
N VAL A 248 9.23 21.49 -4.83
CA VAL A 248 9.71 22.83 -5.12
C VAL A 248 11.07 23.02 -4.50
N VAL A 249 11.93 23.81 -5.14
CA VAL A 249 13.17 24.21 -4.52
C VAL A 249 12.98 25.53 -3.76
N VAL A 250 13.38 25.52 -2.49
CA VAL A 250 13.21 26.67 -1.62
C VAL A 250 14.57 27.16 -1.08
N PRO A 251 14.68 28.46 -0.86
CA PRO A 251 15.88 29.03 -0.21
C PRO A 251 15.96 28.53 1.22
N SER A 252 17.14 28.08 1.64
CA SER A 252 17.36 27.62 3.00
C SER A 252 16.90 28.66 4.02
N GLY A 253 16.02 28.27 4.94
CA GLY A 253 15.54 29.18 5.96
C GLY A 253 14.13 29.66 5.64
N GLU A 254 13.71 29.41 4.41
CA GLU A 254 12.41 29.86 3.92
C GLU A 254 11.35 28.75 3.89
N GLU A 255 11.75 27.53 4.25
CA GLU A 255 10.87 26.35 4.18
C GLU A 255 9.47 26.57 4.73
N GLN A 256 9.37 27.42 5.76
CA GLN A 256 8.11 27.61 6.49
C GLN A 256 7.10 28.45 5.72
N ARG A 257 7.53 29.03 4.60
CA ARG A 257 6.66 29.86 3.78
C ARG A 257 5.77 29.03 2.86
N TYR A 258 6.12 27.77 2.67
CA TYR A 258 5.46 26.95 1.67
C TYR A 258 4.33 26.10 2.22
N THR A 259 3.30 25.92 1.40
CA THR A 259 2.19 25.05 1.72
C THR A 259 1.95 24.13 0.53
N CYS A 260 1.55 22.90 0.82
CA CYS A 260 1.17 21.96 -0.21
C CYS A 260 -0.32 21.72 -0.12
N HIS A 261 -0.99 21.71 -1.27
CA HIS A 261 -2.43 21.57 -1.32
C HIS A 261 -2.80 20.33 -2.11
N VAL A 262 -3.73 19.56 -1.55
CA VAL A 262 -4.15 18.31 -2.14
C VAL A 262 -5.64 18.35 -2.40
N GLN A 263 -6.02 18.17 -3.65
CA GLN A 263 -7.43 18.07 -4.02
C GLN A 263 -7.69 16.66 -4.54
N HIS A 264 -8.67 15.99 -3.94
CA HIS A 264 -9.02 14.64 -4.35
C HIS A 264 -10.45 14.32 -4.00
N GLU A 265 -11.10 13.55 -4.87
CA GLU A 265 -12.50 13.17 -4.70
C GLU A 265 -12.74 12.54 -3.33
N GLY A 266 -11.72 11.92 -2.77
CA GLY A 266 -11.84 11.24 -1.49
C GLY A 266 -11.80 12.11 -0.26
N LEU A 267 -11.50 13.39 -0.44
CA LEU A 267 -11.39 14.31 0.68
C LEU A 267 -12.63 15.19 0.74
N PRO A 268 -13.29 15.23 1.91
CA PRO A 268 -14.42 16.15 2.15
C PRO A 268 -13.99 17.57 1.90
N LYS A 269 -12.68 17.80 2.07
CA LYS A 269 -12.09 19.11 1.93
C LYS A 269 -10.65 18.99 1.46
N PRO A 270 -10.18 19.97 0.66
CA PRO A 270 -8.78 19.92 0.24
C PRO A 270 -7.83 20.05 1.42
N LEU A 271 -6.65 19.45 1.32
CA LEU A 271 -5.69 19.44 2.40
C LEU A 271 -4.70 20.59 2.24
N THR A 272 -4.30 21.19 3.35
CA THR A 272 -3.21 22.15 3.34
C THR A 272 -2.15 21.64 4.32
N LEU A 273 -0.94 21.48 3.81
CA LEU A 273 0.15 20.89 4.58
C LEU A 273 1.28 21.88 4.69
N ARG A 274 1.81 22.04 5.89
CA ARG A 274 2.90 22.99 6.12
C ARG A 274 4.08 22.35 6.83
N TRP A 275 5.26 22.69 6.35
CA TRP A 275 6.50 22.22 6.93
C TRP A 275 6.74 22.79 8.33
N MET B 1 4.19 9.96 -38.30
CA MET B 1 4.75 8.71 -37.81
C MET B 1 5.55 8.98 -36.53
N ILE B 2 4.85 9.52 -35.54
CA ILE B 2 5.43 10.11 -34.32
C ILE B 2 6.34 9.21 -33.46
N GLN B 3 7.22 9.85 -32.68
CA GLN B 3 8.07 9.19 -31.68
C GLN B 3 8.01 9.95 -30.37
N ARG B 4 7.79 9.25 -29.26
CA ARG B 4 7.85 9.88 -27.94
C ARG B 4 8.68 9.04 -27.02
N THR B 5 9.59 9.69 -26.29
CA THR B 5 10.51 8.98 -25.42
C THR B 5 9.79 8.69 -24.11
N PRO B 6 10.02 7.50 -23.54
CA PRO B 6 9.33 7.09 -22.31
C PRO B 6 9.78 7.85 -21.07
N LYS B 7 8.87 7.98 -20.12
CA LYS B 7 9.17 8.55 -18.82
C LYS B 7 9.18 7.36 -17.88
N ILE B 8 10.20 7.29 -17.04
CA ILE B 8 10.45 6.12 -16.22
C ILE B 8 10.38 6.44 -14.73
N GLN B 9 9.60 5.67 -13.98
CA GLN B 9 9.65 5.77 -12.53
C GLN B 9 9.88 4.38 -11.93
N VAL B 10 10.83 4.27 -11.02
CA VAL B 10 11.04 3.01 -10.32
C VAL B 10 10.79 3.21 -8.82
N TYR B 11 10.00 2.35 -8.21
CA TYR B 11 9.53 2.61 -6.86
C TYR B 11 8.97 1.35 -6.25
N SER B 12 8.64 1.41 -4.96
CA SER B 12 8.09 0.24 -4.29
C SER B 12 6.59 0.40 -4.07
N ARG B 13 5.86 -0.72 -4.05
CA ARG B 13 4.42 -0.68 -3.83
C ARG B 13 4.13 -0.12 -2.45
N HIS B 14 4.65 -0.81 -1.43
CA HIS B 14 4.56 -0.34 -0.06
C HIS B 14 5.94 0.19 0.35
N PRO B 15 5.96 1.12 1.31
CA PRO B 15 7.24 1.62 1.86
C PRO B 15 8.14 0.48 2.29
N ALA B 16 9.42 0.59 1.95
CA ALA B 16 10.37 -0.49 2.18
C ALA B 16 10.68 -0.71 3.66
N GLU B 17 10.57 -1.96 4.09
CA GLU B 17 11.10 -2.37 5.38
C GLU B 17 11.95 -3.61 5.13
N ASN B 18 13.22 -3.53 5.52
CA ASN B 18 14.17 -4.61 5.27
C ASN B 18 13.69 -5.95 5.81
N GLY B 19 13.78 -6.99 4.98
CA GLY B 19 13.36 -8.31 5.40
C GLY B 19 11.88 -8.59 5.21
N LYS B 20 11.15 -7.61 4.68
CA LYS B 20 9.71 -7.79 4.45
C LYS B 20 9.32 -7.84 2.97
N SER B 21 8.57 -8.88 2.62
CA SER B 21 8.09 -9.07 1.24
C SER B 21 7.33 -7.84 0.75
N ASN B 22 7.71 -7.38 -0.44
CA ASN B 22 7.18 -6.17 -1.04
C ASN B 22 7.09 -6.34 -2.57
N PHE B 23 6.83 -5.25 -3.27
CA PHE B 23 6.79 -5.26 -4.72
C PHE B 23 7.56 -4.10 -5.29
N LEU B 24 8.48 -4.40 -6.22
CA LEU B 24 9.24 -3.38 -6.95
C LEU B 24 8.64 -3.15 -8.31
N ASN B 25 8.49 -1.87 -8.66
CA ASN B 25 7.79 -1.42 -9.85
C ASN B 25 8.68 -0.56 -10.73
N CYS B 26 8.65 -0.81 -12.03
CA CYS B 26 9.10 0.17 -13.00
C CYS B 26 7.91 0.51 -13.90
N TYR B 27 7.44 1.74 -13.80
CA TYR B 27 6.32 2.23 -14.58
C TYR B 27 6.87 3.10 -15.68
N VAL B 28 6.57 2.74 -16.93
CA VAL B 28 7.01 3.52 -18.08
C VAL B 28 5.80 4.08 -18.79
N SER B 29 5.87 5.36 -19.15
CA SER B 29 4.67 6.03 -19.67
C SER B 29 4.99 7.10 -20.70
N GLY B 30 3.98 7.55 -21.43
CA GLY B 30 4.16 8.65 -22.38
C GLY B 30 5.01 8.30 -23.59
N PHE B 31 5.08 7.01 -23.93
CA PHE B 31 5.96 6.61 -25.02
C PHE B 31 5.26 6.18 -26.31
N HIS B 32 6.00 6.27 -27.41
CA HIS B 32 5.49 5.87 -28.73
C HIS B 32 6.65 5.68 -29.69
N PRO B 33 6.65 4.60 -30.49
CA PRO B 33 5.65 3.51 -30.59
C PRO B 33 5.73 2.55 -29.42
N SER B 34 5.04 1.41 -29.52
CA SER B 34 4.79 0.57 -28.35
C SER B 34 5.88 -0.44 -28.02
N ASP B 35 6.72 -0.77 -28.99
CA ASP B 35 7.85 -1.66 -28.75
C ASP B 35 8.75 -1.08 -27.67
N ILE B 36 8.89 -1.80 -26.56
CA ILE B 36 9.74 -1.33 -25.47
C ILE B 36 10.27 -2.52 -24.70
N GLU B 37 11.47 -2.36 -24.12
CA GLU B 37 12.08 -3.41 -23.32
C GLU B 37 12.30 -2.89 -21.91
N VAL B 38 11.85 -3.64 -20.92
CA VAL B 38 11.97 -3.22 -19.53
C VAL B 38 12.44 -4.39 -18.69
N ASP B 39 13.57 -4.22 -18.02
CA ASP B 39 14.08 -5.23 -17.10
C ASP B 39 14.25 -4.64 -15.72
N LEU B 40 13.95 -5.42 -14.69
CA LEU B 40 14.28 -5.02 -13.33
C LEU B 40 15.58 -5.70 -12.89
N LEU B 41 16.48 -4.91 -12.31
CA LEU B 41 17.81 -5.40 -11.95
C LEU B 41 18.05 -5.42 -10.44
N LYS B 42 18.56 -6.57 -9.97
CA LYS B 42 19.03 -6.76 -8.61
C LYS B 42 20.55 -6.89 -8.63
N ASN B 43 21.23 -5.86 -8.15
CA ASN B 43 22.69 -5.81 -8.19
C ASN B 43 23.25 -6.04 -9.59
N GLY B 44 22.69 -5.35 -10.58
CA GLY B 44 23.18 -5.42 -11.94
C GLY B 44 22.68 -6.64 -12.70
N GLU B 45 22.01 -7.54 -12.01
CA GLU B 45 21.48 -8.75 -12.64
C GLU B 45 19.97 -8.71 -12.85
N ARG B 46 19.56 -8.96 -14.08
CA ARG B 46 18.17 -9.08 -14.49
C ARG B 46 17.38 -10.04 -13.61
N ILE B 47 16.28 -9.54 -13.04
CA ILE B 47 15.37 -10.37 -12.25
C ILE B 47 14.52 -11.17 -13.23
N GLU B 48 14.32 -12.46 -12.93
CA GLU B 48 13.71 -13.37 -13.90
C GLU B 48 12.18 -13.42 -13.86
N LYS B 49 11.60 -13.41 -12.66
CA LYS B 49 10.14 -13.43 -12.57
C LYS B 49 9.62 -12.00 -12.50
N VAL B 50 9.67 -11.31 -13.64
CA VAL B 50 9.14 -9.95 -13.71
C VAL B 50 7.91 -9.97 -14.59
N GLU B 51 6.78 -9.54 -14.03
CA GLU B 51 5.55 -9.48 -14.79
C GLU B 51 5.27 -8.04 -15.18
N HIS B 52 4.37 -7.87 -16.15
CA HIS B 52 3.94 -6.55 -16.56
C HIS B 52 2.46 -6.47 -16.89
N SER B 53 1.93 -5.26 -16.83
CA SER B 53 0.53 -5.04 -17.14
C SER B 53 0.31 -5.16 -18.65
N ASP B 54 -0.95 -5.24 -19.04
CA ASP B 54 -1.30 -5.31 -20.46
C ASP B 54 -1.19 -3.94 -21.10
N LEU B 55 -0.59 -3.89 -22.30
CA LEU B 55 -0.40 -2.62 -23.01
C LEU B 55 -1.68 -1.81 -23.08
N SER B 56 -1.58 -0.57 -22.64
CA SER B 56 -2.70 0.35 -22.71
C SER B 56 -2.13 1.74 -23.03
N PHE B 57 -2.99 2.74 -23.16
CA PHE B 57 -2.52 4.06 -23.55
C PHE B 57 -3.36 5.20 -22.98
N SER B 58 -2.81 6.41 -23.04
CA SER B 58 -3.45 7.59 -22.47
C SER B 58 -4.23 8.31 -23.55
N LYS B 59 -4.90 9.39 -23.17
CA LYS B 59 -5.77 10.12 -24.09
C LYS B 59 -5.01 10.75 -25.25
N ASP B 60 -3.73 11.02 -25.06
CA ASP B 60 -2.89 11.53 -26.15
C ASP B 60 -2.31 10.41 -27.02
N TRP B 61 -2.80 9.19 -26.78
CA TRP B 61 -2.42 7.98 -27.52
C TRP B 61 -1.07 7.37 -27.13
N SER B 62 -0.41 7.96 -26.14
CA SER B 62 0.89 7.47 -25.70
C SER B 62 0.72 6.29 -24.76
N PHE B 63 1.62 5.32 -24.87
CA PHE B 63 1.49 4.05 -24.15
C PHE B 63 2.01 4.10 -22.73
N TYR B 64 1.51 3.18 -21.89
CA TYR B 64 2.07 2.99 -20.56
C TYR B 64 2.04 1.51 -20.20
N LEU B 65 3.04 1.10 -19.41
CA LEU B 65 3.16 -0.26 -18.94
C LEU B 65 3.71 -0.20 -17.52
N LEU B 66 3.26 -1.12 -16.68
CA LEU B 66 3.85 -1.32 -15.36
C LEU B 66 4.51 -2.67 -15.31
N TYR B 67 5.82 -2.70 -15.06
CA TYR B 67 6.51 -3.94 -14.78
C TYR B 67 6.70 -4.03 -13.28
N TYR B 68 6.59 -5.24 -12.73
CA TYR B 68 6.68 -5.39 -11.29
C TYR B 68 7.15 -6.78 -10.93
N THR B 69 7.78 -6.90 -9.76
CA THR B 69 8.17 -8.20 -9.25
C THR B 69 8.21 -8.12 -7.73
N GLU B 70 7.75 -9.18 -7.08
CA GLU B 70 7.80 -9.23 -5.63
C GLU B 70 9.24 -9.48 -5.19
N PHE B 71 9.71 -8.65 -4.27
CA PHE B 71 11.09 -8.74 -3.78
C PHE B 71 11.17 -8.58 -2.26
N THR B 72 12.37 -8.65 -1.71
CA THR B 72 12.58 -8.38 -0.30
C THR B 72 13.75 -7.43 -0.16
N PRO B 73 13.45 -6.14 0.04
CA PRO B 73 14.52 -5.13 0.10
C PRO B 73 15.44 -5.37 1.29
N THR B 74 16.72 -5.08 1.09
CA THR B 74 17.71 -5.15 2.16
C THR B 74 18.59 -3.92 2.06
N GLU B 75 19.31 -3.60 3.14
CA GLU B 75 20.17 -2.44 3.16
C GLU B 75 21.33 -2.54 2.16
N LYS B 76 21.68 -3.78 1.79
CA LYS B 76 22.82 -4.03 0.92
C LYS B 76 22.46 -3.94 -0.56
N ASP B 77 21.35 -4.58 -0.93
CA ASP B 77 21.00 -4.80 -2.32
C ASP B 77 20.64 -3.51 -3.08
N GLU B 78 21.04 -3.47 -4.34
CA GLU B 78 20.76 -2.34 -5.22
C GLU B 78 19.76 -2.76 -6.27
N TYR B 79 18.71 -1.97 -6.47
CA TYR B 79 17.72 -2.28 -7.49
C TYR B 79 17.65 -1.16 -8.51
N ALA B 80 17.34 -1.53 -9.76
CA ALA B 80 17.20 -0.54 -10.82
C ALA B 80 16.23 -1.02 -11.88
N CYS B 81 15.91 -0.13 -12.80
CA CYS B 81 15.09 -0.47 -13.95
C CYS B 81 15.83 -0.04 -15.20
N ARG B 82 15.99 -0.97 -16.14
CA ARG B 82 16.62 -0.68 -17.41
C ARG B 82 15.58 -0.70 -18.52
N VAL B 83 15.56 0.37 -19.32
CA VAL B 83 14.55 0.54 -20.35
C VAL B 83 15.22 0.83 -21.67
N ASN B 84 14.84 0.08 -22.70
CA ASN B 84 15.28 0.35 -24.06
C ASN B 84 14.08 0.63 -24.97
N HIS B 85 14.27 1.58 -25.89
CA HIS B 85 13.22 2.04 -26.78
C HIS B 85 13.91 2.76 -27.92
N VAL B 86 13.24 2.85 -29.07
CA VAL B 86 13.86 3.45 -30.26
C VAL B 86 14.26 4.90 -30.10
N THR B 87 13.63 5.59 -29.15
CA THR B 87 13.93 7.00 -28.89
C THR B 87 15.17 7.15 -28.02
N LEU B 88 15.68 6.03 -27.48
CA LEU B 88 16.85 6.08 -26.61
C LEU B 88 18.12 5.69 -27.37
N SER B 89 19.14 6.54 -27.32
CA SER B 89 20.42 6.26 -27.97
C SER B 89 21.08 5.01 -27.39
N GLN B 90 20.87 4.81 -26.09
CA GLN B 90 21.30 3.59 -25.41
C GLN B 90 20.36 3.28 -24.26
N PRO B 91 20.33 2.01 -23.81
CA PRO B 91 19.49 1.62 -22.66
C PRO B 91 19.62 2.60 -21.48
N LYS B 92 18.49 2.97 -20.90
CA LYS B 92 18.48 3.92 -19.79
C LYS B 92 18.31 3.20 -18.47
N ILE B 93 19.24 3.43 -17.55
CA ILE B 93 19.18 2.79 -16.24
C ILE B 93 18.76 3.81 -15.19
N VAL B 94 17.73 3.44 -14.41
CA VAL B 94 17.23 4.33 -13.38
C VAL B 94 17.25 3.55 -12.08
N LYS B 95 18.05 4.01 -11.12
CA LYS B 95 18.20 3.31 -9.84
C LYS B 95 17.00 3.53 -8.94
N TRP B 96 16.66 2.51 -8.17
CA TRP B 96 15.62 2.65 -7.15
C TRP B 96 16.10 3.35 -5.88
N ASP B 97 15.79 4.64 -5.77
CA ASP B 97 15.92 5.38 -4.52
C ASP B 97 14.69 5.05 -3.70
N ARG B 98 14.85 4.42 -2.54
CA ARG B 98 13.69 4.16 -1.68
C ARG B 98 13.06 5.48 -1.21
N ASP B 99 12.58 6.21 -2.22
CA ASP B 99 12.14 7.60 -2.14
C ASP B 99 11.82 8.00 -3.56
N MET B 100 12.87 8.26 -4.35
CA MET B 100 12.75 8.83 -5.70
C MET B 100 12.04 10.17 -5.67
N ARG C 1 -18.62 -4.77 -22.26
CA ARG C 1 -19.01 -5.38 -23.52
C ARG C 1 -18.28 -4.78 -24.72
N PHE C 2 -17.42 -5.57 -25.36
CA PHE C 2 -16.60 -5.10 -26.47
C PHE C 2 -17.45 -4.63 -27.65
N PRO C 3 -17.02 -3.54 -28.30
CA PRO C 3 -17.83 -2.97 -29.39
C PRO C 3 -17.69 -3.76 -30.68
N LEU C 4 -18.61 -3.51 -31.60
CA LEU C 4 -18.47 -3.99 -32.95
C LEU C 4 -17.83 -2.85 -33.70
N THR C 5 -17.18 -3.17 -34.80
CA THR C 5 -16.22 -2.26 -35.38
C THR C 5 -16.29 -2.37 -36.90
N PHE C 6 -15.93 -1.31 -37.63
CA PHE C 6 -16.10 -1.31 -39.08
C PHE C 6 -14.79 -1.04 -39.84
N GLY C 7 -14.69 -1.56 -41.05
CA GLY C 7 -13.48 -1.43 -41.84
C GLY C 7 -13.22 -0.01 -42.32
N TRP C 8 -11.95 0.34 -42.46
CA TRP C 8 -11.58 1.71 -42.86
C TRP C 8 -11.76 1.96 -44.36
N GLY D 2 14.01 -21.69 23.14
CA GLY D 2 14.05 -20.90 21.92
C GLY D 2 14.69 -19.55 22.12
N SER D 3 14.75 -18.76 21.03
CA SER D 3 15.27 -17.39 21.10
C SER D 3 14.38 -16.52 21.98
N HIS D 4 14.96 -15.48 22.57
CA HIS D 4 14.19 -14.50 23.31
C HIS D 4 14.64 -13.08 23.01
N SER D 5 13.80 -12.11 23.34
CA SER D 5 14.09 -10.71 23.07
C SER D 5 13.63 -9.81 24.22
N MET D 6 14.34 -8.72 24.43
CA MET D 6 13.83 -7.65 25.28
C MET D 6 13.80 -6.40 24.45
N ARG D 7 12.69 -5.66 24.55
CA ARG D 7 12.47 -4.45 23.77
C ARG D 7 11.92 -3.34 24.64
N TYR D 8 12.39 -2.13 24.43
CA TYR D 8 11.76 -0.96 24.99
C TYR D 8 11.38 -0.08 23.82
N PHE D 9 10.16 0.41 23.85
CA PHE D 9 9.70 1.31 22.80
C PHE D 9 9.29 2.62 23.48
N SER D 10 9.65 3.75 22.89
CA SER D 10 9.22 5.01 23.46
C SER D 10 8.73 5.93 22.36
N THR D 11 7.73 6.73 22.70
CA THR D 11 7.14 7.68 21.78
C THR D 11 6.96 9.02 22.47
N SER D 12 7.45 10.08 21.84
CA SER D 12 7.17 11.44 22.27
C SER D 12 6.41 12.14 21.15
N VAL D 13 5.31 12.76 21.52
CA VAL D 13 4.50 13.51 20.55
C VAL D 13 4.35 14.94 21.04
N SER D 14 4.84 15.90 20.26
CA SER D 14 4.74 17.30 20.66
C SER D 14 3.32 17.80 20.43
N ARG D 15 2.85 18.64 21.34
CA ARG D 15 1.52 19.23 21.23
C ARG D 15 1.60 20.72 21.54
N PRO D 16 2.00 21.51 20.53
CA PRO D 16 2.28 22.94 20.63
C PRO D 16 1.11 23.77 21.15
N GLY D 17 1.35 24.58 22.18
CA GLY D 17 0.30 25.46 22.70
C GLY D 17 -0.59 24.75 23.69
N ARG D 18 -0.36 23.45 23.82
CA ARG D 18 -1.21 22.57 24.61
C ARG D 18 -0.42 21.74 25.62
N GLY D 19 0.74 22.26 26.01
CA GLY D 19 1.56 21.65 27.04
C GLY D 19 2.80 20.96 26.49
N GLU D 20 3.42 20.14 27.33
CA GLU D 20 4.65 19.47 26.97
C GLU D 20 4.36 18.18 26.22
N PRO D 21 5.36 17.63 25.50
CA PRO D 21 5.12 16.40 24.73
C PRO D 21 4.52 15.26 25.55
N ARG D 22 3.57 14.56 24.95
CA ARG D 22 3.09 13.31 25.49
C ARG D 22 4.23 12.29 25.36
N PHE D 23 4.53 11.58 26.43
CA PHE D 23 5.60 10.59 26.39
C PHE D 23 5.10 9.27 26.94
N ILE D 24 5.27 8.22 26.15
CA ILE D 24 4.84 6.88 26.54
C ILE D 24 5.95 5.88 26.23
N ALA D 25 6.34 5.10 27.23
CA ALA D 25 7.35 4.08 27.06
C ALA D 25 6.77 2.75 27.51
N VAL D 26 7.15 1.68 26.83
CA VAL D 26 6.76 0.34 27.26
C VAL D 26 7.94 -0.62 27.15
N GLY D 27 7.95 -1.63 28.01
CA GLY D 27 8.95 -2.68 27.93
C GLY D 27 8.31 -4.05 27.72
N TYR D 28 8.95 -4.85 26.88
CA TYR D 28 8.52 -6.20 26.53
C TYR D 28 9.63 -7.23 26.70
N VAL D 29 9.27 -8.40 27.23
CA VAL D 29 10.08 -9.59 27.05
C VAL D 29 9.28 -10.46 26.08
N ASP D 30 9.88 -10.75 24.92
CA ASP D 30 9.17 -11.38 23.81
C ASP D 30 7.89 -10.61 23.52
N ASP D 31 6.74 -11.27 23.61
CA ASP D 31 5.46 -10.62 23.32
C ASP D 31 4.65 -10.33 24.58
N THR D 32 5.34 -10.31 25.72
CA THR D 32 4.70 -10.00 26.99
C THR D 32 5.21 -8.66 27.52
N GLN D 33 4.30 -7.69 27.62
CA GLN D 33 4.61 -6.38 28.20
C GLN D 33 4.80 -6.55 29.70
N PHE D 34 5.80 -5.89 30.26
CA PHE D 34 6.04 -5.96 31.70
C PHE D 34 6.14 -4.62 32.43
N VAL D 35 6.46 -3.56 31.69
CA VAL D 35 6.54 -2.23 32.29
C VAL D 35 5.99 -1.16 31.36
N ARG D 36 5.63 -0.02 31.95
CA ARG D 36 5.18 1.13 31.18
C ARG D 36 5.43 2.45 31.92
N PHE D 37 5.48 3.55 31.17
CA PHE D 37 5.50 4.90 31.76
C PHE D 37 4.66 5.79 30.86
N ASP D 38 3.75 6.53 31.47
CA ASP D 38 2.93 7.51 30.75
C ASP D 38 3.06 8.86 31.45
N SER D 39 3.61 9.85 30.74
CA SER D 39 3.86 11.17 31.31
C SER D 39 2.59 11.86 31.75
N ASP D 40 1.46 11.46 31.17
CA ASP D 40 0.17 12.07 31.47
C ASP D 40 -0.57 11.29 32.55
N ALA D 41 0.07 10.26 33.11
CA ALA D 41 -0.55 9.48 34.17
C ALA D 41 -0.22 10.07 35.54
N ALA D 42 -0.93 9.60 36.55
CA ALA D 42 -0.85 10.19 37.88
C ALA D 42 0.47 9.89 38.59
N SER D 43 0.92 8.64 38.49
CA SER D 43 2.01 8.15 39.31
C SER D 43 3.37 8.80 39.05
N GLN D 44 3.64 9.18 37.80
CA GLN D 44 4.97 9.61 37.38
C GLN D 44 6.07 8.61 37.74
N ARG D 45 5.71 7.33 37.72
CA ARG D 45 6.69 6.26 37.95
C ARG D 45 6.61 5.21 36.86
N MET D 46 7.69 4.45 36.71
CA MET D 46 7.63 3.24 35.91
C MET D 46 6.72 2.28 36.69
N GLU D 47 5.76 1.67 35.99
CA GLU D 47 4.80 0.79 36.65
C GLU D 47 4.87 -0.61 36.07
N PRO D 48 4.63 -1.63 36.93
CA PRO D 48 4.63 -3.03 36.50
C PRO D 48 3.45 -3.35 35.60
N ARG D 49 3.65 -4.27 34.67
CA ARG D 49 2.59 -4.71 33.76
C ARG D 49 2.52 -6.23 33.67
N ALA D 50 3.43 -6.90 34.37
CA ALA D 50 3.40 -8.34 34.51
C ALA D 50 3.69 -8.66 35.96
N PRO D 51 3.04 -9.69 36.50
CA PRO D 51 3.19 -10.05 37.91
C PRO D 51 4.62 -10.42 38.31
N TRP D 52 5.38 -11.01 37.40
CA TRP D 52 6.73 -11.48 37.73
C TRP D 52 7.77 -10.37 37.86
N ILE D 53 7.42 -9.14 37.49
CA ILE D 53 8.36 -8.04 37.62
C ILE D 53 8.09 -7.32 38.93
N GLU D 54 6.91 -7.56 39.49
CA GLU D 54 6.48 -6.92 40.73
C GLU D 54 7.35 -7.32 41.91
N GLN D 55 8.04 -8.45 41.81
CA GLN D 55 8.89 -8.96 42.88
C GLN D 55 10.17 -8.12 43.02
N GLU D 56 10.47 -7.34 41.99
CA GLU D 56 11.60 -6.40 42.06
C GLU D 56 11.41 -5.39 43.19
N GLY D 57 12.51 -5.06 43.86
CA GLY D 57 12.46 -4.13 44.98
C GLY D 57 12.29 -2.68 44.56
N PRO D 58 12.15 -1.78 45.55
CA PRO D 58 11.93 -0.35 45.29
C PRO D 58 13.14 0.33 44.64
N GLU D 59 14.32 -0.25 44.83
CA GLU D 59 15.53 0.22 44.15
C GLU D 59 15.33 0.15 42.64
N TYR D 60 14.86 -1.01 42.17
CA TYR D 60 14.55 -1.23 40.76
C TYR D 60 13.65 -0.12 40.24
N TRP D 61 12.51 0.06 40.89
CA TRP D 61 11.53 1.03 40.42
C TRP D 61 12.07 2.46 40.44
N ASP D 62 12.86 2.78 41.46
CA ASP D 62 13.49 4.09 41.54
C ASP D 62 14.43 4.34 40.36
N GLU D 63 15.36 3.43 40.13
CA GLU D 63 16.34 3.57 39.06
C GLU D 63 15.71 3.59 37.66
N GLU D 64 14.77 2.67 37.43
CA GLU D 64 14.13 2.59 36.13
C GLU D 64 13.30 3.85 35.88
N THR D 65 12.58 4.30 36.90
CA THR D 65 11.85 5.58 36.85
C THR D 65 12.78 6.74 36.49
N GLY D 66 13.95 6.76 37.11
CA GLY D 66 14.93 7.81 36.85
C GLY D 66 15.39 7.82 35.41
N LYS D 67 15.77 6.65 34.92
CA LYS D 67 16.24 6.54 33.55
C LYS D 67 15.15 6.90 32.51
N VAL D 68 13.92 6.48 32.76
CA VAL D 68 12.84 6.75 31.81
C VAL D 68 12.40 8.22 31.80
N LYS D 69 12.39 8.85 32.98
CA LYS D 69 12.10 10.29 33.05
C LYS D 69 13.21 11.09 32.38
N ALA D 70 14.45 10.70 32.64
CA ALA D 70 15.58 11.35 31.99
C ALA D 70 15.42 11.26 30.49
N HIS D 71 15.07 10.06 30.00
CA HIS D 71 14.82 9.88 28.57
C HIS D 71 13.71 10.79 28.05
N SER D 72 12.62 10.93 28.82
CA SER D 72 11.55 11.81 28.40
C SER D 72 12.01 13.27 28.25
N GLN D 73 12.87 13.69 29.17
CA GLN D 73 13.45 15.03 29.11
C GLN D 73 14.38 15.25 27.90
N THR D 74 15.30 14.31 27.68
CA THR D 74 16.15 14.47 26.50
C THR D 74 15.35 14.35 25.20
N ASP D 75 14.26 13.57 25.21
CA ASP D 75 13.32 13.54 24.09
C ASP D 75 12.69 14.91 23.83
N ARG D 76 12.29 15.60 24.90
CA ARG D 76 11.73 16.95 24.80
C ARG D 76 12.74 17.86 24.05
N GLU D 77 13.99 17.80 24.52
CA GLU D 77 15.02 18.60 23.86
C GLU D 77 15.30 18.15 22.42
N ASN D 78 15.27 16.83 22.17
CA ASN D 78 15.47 16.29 20.82
C ASN D 78 14.43 16.80 19.83
N LEU D 79 13.18 16.89 20.29
CA LEU D 79 12.12 17.44 19.47
C LEU D 79 12.45 18.90 19.12
N ARG D 80 12.86 19.68 20.12
CA ARG D 80 13.28 21.05 19.82
C ARG D 80 14.43 21.12 18.77
N ILE D 81 15.46 20.33 19.01
CA ILE D 81 16.63 20.29 18.14
C ILE D 81 16.25 19.90 16.71
N ALA D 82 15.41 18.88 16.58
CA ALA D 82 14.99 18.43 15.27
C ALA D 82 14.28 19.55 14.53
N LEU D 83 13.44 20.29 15.28
CA LEU D 83 12.81 21.48 14.72
C LEU D 83 13.86 22.39 14.11
N ARG D 84 14.97 22.59 14.82
CA ARG D 84 16.05 23.41 14.23
C ARG D 84 16.75 22.77 13.01
N TYR D 85 16.99 21.46 13.06
CA TYR D 85 17.71 20.78 11.98
C TYR D 85 16.95 20.85 10.67
N TYR D 86 15.63 20.69 10.74
CA TYR D 86 14.80 20.64 9.53
C TYR D 86 14.15 21.99 9.21
N ASN D 87 14.30 22.96 10.11
CA ASN D 87 13.58 24.23 10.01
C ASN D 87 12.07 24.05 9.88
N GLN D 88 11.47 23.33 10.84
CA GLN D 88 10.04 23.10 10.84
C GLN D 88 9.34 24.06 11.78
N SER D 89 8.09 24.38 11.49
CA SER D 89 7.33 25.31 12.33
C SER D 89 7.07 24.73 13.71
N GLU D 90 7.16 25.58 14.73
CA GLU D 90 6.94 25.16 16.11
C GLU D 90 5.46 24.89 16.37
N ALA D 91 4.63 25.19 15.38
CA ALA D 91 3.19 24.98 15.48
C ALA D 91 2.79 23.56 15.12
N GLY D 92 3.68 22.84 14.42
CA GLY D 92 3.36 21.50 13.94
C GLY D 92 3.67 20.45 14.99
N SER D 93 2.80 19.45 15.11
CA SER D 93 3.07 18.33 15.98
C SER D 93 4.08 17.38 15.35
N HIS D 94 5.04 16.90 16.12
CA HIS D 94 5.99 15.92 15.60
C HIS D 94 6.20 14.74 16.54
N THR D 95 6.64 13.62 15.97
CA THR D 95 6.70 12.36 16.68
C THR D 95 8.13 11.85 16.68
N LEU D 96 8.59 11.42 17.85
CA LEU D 96 9.93 10.87 18.00
C LEU D 96 9.84 9.50 18.64
N GLN D 97 10.34 8.49 17.95
CA GLN D 97 10.23 7.11 18.44
C GLN D 97 11.59 6.47 18.63
N MET D 98 11.71 5.65 19.67
CA MET D 98 12.91 4.90 19.93
C MET D 98 12.58 3.43 20.17
N MET D 99 13.39 2.55 19.58
CA MET D 99 13.34 1.15 19.95
C MET D 99 14.72 0.76 20.43
N PHE D 100 14.77 0.00 21.52
CA PHE D 100 16.03 -0.46 22.08
C PHE D 100 15.88 -1.90 22.56
N GLY D 101 16.94 -2.70 22.46
CA GLY D 101 16.90 -3.98 23.15
C GLY D 101 17.84 -5.05 22.66
N CYS D 102 17.69 -6.26 23.19
CA CYS D 102 18.63 -7.34 22.88
C CYS D 102 17.95 -8.67 22.55
N ASP D 103 18.55 -9.43 21.65
CA ASP D 103 18.13 -10.80 21.36
C ASP D 103 19.14 -11.81 21.89
N VAL D 104 18.65 -12.81 22.62
CA VAL D 104 19.46 -13.96 23.02
C VAL D 104 18.92 -15.23 22.38
N GLY D 105 19.73 -16.29 22.37
CA GLY D 105 19.32 -17.56 21.82
C GLY D 105 18.80 -18.53 22.87
N SER D 106 18.69 -19.80 22.48
CA SER D 106 18.17 -20.85 23.35
C SER D 106 19.03 -21.01 24.61
N ASP D 107 20.33 -20.77 24.48
CA ASP D 107 21.27 -20.95 25.58
C ASP D 107 21.43 -19.67 26.40
N GLY D 108 20.69 -18.63 26.01
CA GLY D 108 20.65 -17.40 26.77
C GLY D 108 21.80 -16.47 26.44
N ARG D 109 22.54 -16.81 25.38
CA ARG D 109 23.71 -16.04 25.01
C ARG D 109 23.43 -15.00 23.93
N PHE D 110 24.20 -13.91 23.98
CA PHE D 110 23.95 -12.72 23.16
C PHE D 110 23.89 -13.06 21.68
N LEU D 111 22.84 -12.58 21.04
CA LEU D 111 22.66 -12.75 19.61
C LEU D 111 22.71 -11.39 18.94
N ARG D 112 21.94 -10.43 19.45
CA ARG D 112 21.86 -9.14 18.76
C ARG D 112 21.52 -7.96 19.68
N GLY D 113 21.84 -6.76 19.21
CA GLY D 113 21.58 -5.54 19.94
C GLY D 113 21.00 -4.48 19.03
N TYR D 114 20.06 -3.70 19.55
CA TYR D 114 19.35 -2.69 18.77
C TYR D 114 19.25 -1.41 19.58
N HIS D 115 19.46 -0.28 18.90
CA HIS D 115 19.17 1.03 19.45
C HIS D 115 18.96 1.98 18.29
N GLN D 116 17.69 2.27 18.00
CA GLN D 116 17.35 3.03 16.82
C GLN D 116 16.21 4.03 17.05
N TYR D 117 16.17 5.04 16.18
CA TYR D 117 15.26 6.16 16.30
C TYR D 117 14.61 6.49 14.98
N ALA D 118 13.34 6.89 15.08
CA ALA D 118 12.58 7.44 13.98
C ALA D 118 12.11 8.84 14.34
N TYR D 119 12.04 9.70 13.34
CA TYR D 119 11.44 11.02 13.48
C TYR D 119 10.28 11.11 12.49
N ASP D 120 9.08 11.41 13.01
CA ASP D 120 7.88 11.46 12.20
C ASP D 120 7.66 10.20 11.35
N GLY D 121 7.90 9.03 11.95
CA GLY D 121 7.63 7.77 11.28
C GLY D 121 8.69 7.25 10.33
N LYS D 122 9.75 8.02 10.10
CA LYS D 122 10.86 7.57 9.26
C LYS D 122 12.14 7.36 10.05
N ASP D 123 12.92 6.35 9.67
CA ASP D 123 14.25 6.12 10.24
C ASP D 123 15.04 7.41 10.39
N TYR D 124 15.54 7.67 11.59
CA TYR D 124 16.41 8.81 11.84
C TYR D 124 17.84 8.30 12.03
N ILE D 125 18.07 7.55 13.10
CA ILE D 125 19.44 7.06 13.31
C ILE D 125 19.42 5.70 13.97
N ALA D 126 20.35 4.82 13.60
CA ALA D 126 20.35 3.49 14.19
C ALA D 126 21.75 2.96 14.49
N LEU D 127 21.92 2.29 15.62
CA LEU D 127 23.18 1.61 15.92
C LEU D 127 23.31 0.43 14.95
N LYS D 128 24.43 0.35 14.24
CA LYS D 128 24.66 -0.76 13.31
C LYS D 128 24.82 -2.06 14.09
N GLU D 129 24.74 -3.17 13.38
CA GLU D 129 24.77 -4.50 13.98
C GLU D 129 26.06 -4.79 14.74
N ASP D 130 27.18 -4.22 14.28
CA ASP D 130 28.45 -4.38 14.98
C ASP D 130 28.54 -3.60 16.30
N LEU D 131 27.51 -2.78 16.56
CA LEU D 131 27.41 -1.97 17.77
C LEU D 131 28.59 -0.98 17.92
N ARG D 132 29.14 -0.56 16.78
CA ARG D 132 30.35 0.27 16.80
C ARG D 132 30.25 1.52 15.92
N SER D 133 29.15 1.64 15.18
CA SER D 133 28.93 2.81 14.34
C SER D 133 27.44 3.03 14.11
N TRP D 134 27.10 4.12 13.43
CA TRP D 134 25.70 4.50 13.26
C TRP D 134 25.33 4.63 11.80
N THR D 135 24.07 4.34 11.49
CA THR D 135 23.51 4.63 10.19
C THR D 135 22.60 5.82 10.36
N ALA D 136 22.90 6.89 9.63
CA ALA D 136 22.11 8.11 9.65
C ALA D 136 21.34 8.19 8.35
N ALA D 137 20.03 8.43 8.43
CA ALA D 137 19.18 8.35 7.26
C ALA D 137 19.09 9.66 6.46
N ASP D 138 19.49 10.76 7.09
CA ASP D 138 19.56 12.04 6.40
C ASP D 138 20.63 12.97 7.00
N MET D 139 20.64 14.21 6.54
CA MET D 139 21.69 15.16 6.90
C MET D 139 21.61 15.60 8.36
N ALA D 140 20.38 15.77 8.84
CA ALA D 140 20.15 16.09 10.24
C ALA D 140 20.71 14.99 11.14
N ALA D 141 20.35 13.76 10.79
CA ALA D 141 20.81 12.61 11.53
C ALA D 141 22.31 12.49 11.39
N GLN D 142 22.85 13.02 10.30
CA GLN D 142 24.30 13.05 10.11
C GLN D 142 24.94 13.94 11.18
N ILE D 143 24.32 15.10 11.42
CA ILE D 143 24.74 15.95 12.55
C ILE D 143 24.74 15.16 13.87
N THR D 144 23.61 14.52 14.17
CA THR D 144 23.56 13.71 15.40
C THR D 144 24.68 12.64 15.46
N LYS D 145 24.94 12.01 14.31
CA LYS D 145 25.93 10.93 14.20
C LYS D 145 27.34 11.45 14.50
N ARG D 146 27.70 12.59 13.95
CA ARG D 146 28.98 13.19 14.28
C ARG D 146 29.07 13.52 15.78
N LYS D 147 28.00 14.08 16.35
CA LYS D 147 28.00 14.33 17.80
C LYS D 147 28.26 13.07 18.63
N TRP D 148 27.62 11.97 18.24
CA TRP D 148 27.73 10.73 19.03
C TRP D 148 29.06 10.05 18.81
N GLU D 149 29.66 10.29 17.66
CA GLU D 149 31.01 9.81 17.39
C GLU D 149 31.99 10.57 18.28
N ALA D 150 31.89 11.89 18.33
CA ALA D 150 32.73 12.70 19.21
C ALA D 150 32.56 12.29 20.68
N ALA D 151 31.33 11.96 21.06
CA ALA D 151 31.01 11.60 22.44
C ALA D 151 31.40 10.16 22.81
N HIS D 152 31.76 9.37 21.81
CA HIS D 152 32.03 7.93 21.98
C HIS D 152 30.87 7.17 22.65
N VAL D 153 29.66 7.49 22.23
CA VAL D 153 28.44 6.89 22.76
C VAL D 153 28.40 5.38 22.55
N ALA D 154 28.93 4.96 21.40
CA ALA D 154 28.87 3.54 21.02
C ALA D 154 29.55 2.61 22.00
N GLU D 155 30.61 3.03 22.68
CA GLU D 155 31.24 2.12 23.65
C GLU D 155 30.32 1.82 24.81
N GLN D 156 29.60 2.85 25.27
CA GLN D 156 28.65 2.66 26.34
C GLN D 156 27.48 1.81 25.86
N GLN D 157 26.94 2.13 24.69
CA GLN D 157 25.79 1.39 24.16
C GLN D 157 26.11 -0.09 23.94
N ARG D 158 27.20 -0.36 23.24
CA ARG D 158 27.68 -1.72 22.99
C ARG D 158 27.93 -2.49 24.28
N ALA D 159 28.65 -1.86 25.22
CA ALA D 159 28.91 -2.53 26.48
C ALA D 159 27.63 -2.81 27.27
N TYR D 160 26.67 -1.89 27.18
CA TYR D 160 25.39 -2.07 27.86
C TYR D 160 24.59 -3.20 27.24
N LEU D 161 24.55 -3.23 25.91
CA LEU D 161 23.81 -4.24 25.16
C LEU D 161 24.36 -5.64 25.39
N GLU D 162 25.69 -5.79 25.25
CA GLU D 162 26.34 -7.10 25.42
C GLU D 162 26.37 -7.56 26.88
N GLY D 163 26.27 -6.62 27.82
CA GLY D 163 26.32 -6.98 29.22
C GLY D 163 25.02 -6.81 29.98
N THR D 164 24.73 -5.58 30.40
CA THR D 164 23.59 -5.30 31.26
C THR D 164 22.24 -5.73 30.68
N CYS D 165 22.02 -5.46 29.39
CA CYS D 165 20.76 -5.84 28.73
C CYS D 165 20.54 -7.36 28.72
N VAL D 166 21.56 -8.09 28.31
CA VAL D 166 21.52 -9.55 28.29
C VAL D 166 21.28 -10.14 29.68
N ASP D 167 21.98 -9.62 30.68
CA ASP D 167 21.84 -10.07 32.06
C ASP D 167 20.42 -9.82 32.54
N GLY D 168 19.89 -8.66 32.18
CA GLY D 168 18.54 -8.29 32.54
C GLY D 168 17.52 -9.23 31.92
N LEU D 169 17.73 -9.56 30.66
CA LEU D 169 16.84 -10.47 29.94
C LEU D 169 16.83 -11.85 30.59
N ARG D 170 18.01 -12.37 30.92
CA ARG D 170 18.11 -13.65 31.62
C ARG D 170 17.39 -13.61 32.96
N ARG D 171 17.60 -12.51 33.68
CA ARG D 171 16.97 -12.29 34.97
C ARG D 171 15.45 -12.36 34.87
N TYR D 172 14.89 -11.60 33.92
CA TYR D 172 13.44 -11.57 33.73
C TYR D 172 12.92 -12.94 33.33
N LEU D 173 13.60 -13.60 32.38
CA LEU D 173 13.23 -14.95 31.96
C LEU D 173 13.19 -15.93 33.14
N GLU D 174 14.17 -15.83 34.04
CA GLU D 174 14.15 -16.65 35.25
C GLU D 174 12.99 -16.32 36.18
N ASN D 175 12.80 -15.04 36.48
CA ASN D 175 11.72 -14.63 37.37
C ASN D 175 10.34 -14.91 36.78
N GLY D 176 10.22 -14.76 35.46
CA GLY D 176 8.96 -14.96 34.77
C GLY D 176 8.89 -16.35 34.15
N LYS D 177 9.65 -17.27 34.74
CA LYS D 177 9.75 -18.67 34.33
C LYS D 177 8.45 -19.29 33.81
N GLU D 178 7.50 -19.44 34.72
CA GLU D 178 6.24 -20.11 34.44
C GLU D 178 5.46 -19.56 33.25
N THR D 179 5.55 -18.25 33.01
CA THR D 179 4.81 -17.64 31.91
C THR D 179 5.65 -17.31 30.66
N LEU D 180 6.90 -16.87 30.84
CA LEU D 180 7.69 -16.43 29.67
C LEU D 180 8.28 -17.58 28.85
N GLN D 181 8.54 -18.71 29.52
CA GLN D 181 9.11 -19.85 28.83
C GLN D 181 8.02 -20.83 28.41
N ARG D 182 6.77 -20.43 28.60
CA ARG D 182 5.66 -21.26 28.18
C ARG D 182 5.52 -21.13 26.68
N THR D 183 4.99 -22.18 26.08
CA THR D 183 4.58 -22.13 24.69
C THR D 183 3.10 -22.48 24.66
N ASP D 184 2.33 -21.75 23.86
CA ASP D 184 0.91 -22.01 23.69
C ASP D 184 0.67 -22.29 22.23
N PRO D 185 0.35 -23.55 21.90
CA PRO D 185 0.14 -23.92 20.51
C PRO D 185 -1.16 -23.33 20.01
N PRO D 186 -1.23 -23.03 18.71
CA PRO D 186 -2.50 -22.51 18.19
C PRO D 186 -3.55 -23.61 18.17
N LYS D 187 -4.76 -23.30 18.62
CA LYS D 187 -5.92 -24.14 18.37
C LYS D 187 -6.42 -23.71 17.01
N THR D 188 -6.51 -24.66 16.10
CA THR D 188 -6.82 -24.33 14.73
C THR D 188 -8.24 -24.74 14.37
N HIS D 189 -8.80 -24.10 13.36
CA HIS D 189 -10.00 -24.65 12.71
C HIS D 189 -10.29 -24.02 11.36
N MET D 190 -11.32 -24.52 10.68
CA MET D 190 -11.68 -23.99 9.36
C MET D 190 -13.15 -23.65 9.33
N THR D 191 -13.47 -22.53 8.69
CA THR D 191 -14.86 -22.14 8.48
C THR D 191 -15.10 -21.97 6.98
N HIS D 192 -16.36 -22.10 6.59
CA HIS D 192 -16.74 -22.08 5.17
C HIS D 192 -17.91 -21.14 4.98
N HIS D 193 -17.75 -20.13 4.13
CA HIS D 193 -18.81 -19.14 3.93
C HIS D 193 -19.06 -18.90 2.44
N PRO D 194 -20.10 -19.55 1.88
CA PRO D 194 -20.42 -19.39 0.46
C PRO D 194 -20.79 -17.94 0.15
N ILE D 195 -20.23 -17.39 -0.93
CA ILE D 195 -20.52 -16.02 -1.33
C ILE D 195 -21.41 -15.96 -2.58
N SER D 196 -21.45 -17.07 -3.32
CA SER D 196 -22.37 -17.21 -4.45
C SER D 196 -22.56 -18.69 -4.77
N ASP D 197 -23.05 -18.99 -5.98
CA ASP D 197 -23.37 -20.35 -6.37
C ASP D 197 -22.14 -21.11 -6.87
N HIS D 198 -21.09 -20.37 -7.19
CA HIS D 198 -19.85 -20.98 -7.66
C HIS D 198 -18.66 -20.53 -6.80
N GLU D 199 -18.91 -19.64 -5.85
CA GLU D 199 -17.84 -19.07 -5.02
C GLU D 199 -18.09 -19.31 -3.53
N ALA D 200 -17.07 -19.82 -2.83
CA ALA D 200 -17.14 -19.99 -1.38
C ALA D 200 -15.84 -19.51 -0.71
N THR D 201 -15.92 -19.06 0.53
CA THR D 201 -14.72 -18.65 1.27
C THR D 201 -14.26 -19.74 2.25
N LEU D 202 -13.01 -20.18 2.10
CA LEU D 202 -12.40 -21.06 3.09
C LEU D 202 -11.52 -20.24 4.02
N ARG D 203 -11.76 -20.33 5.32
CA ARG D 203 -10.99 -19.55 6.29
C ARG D 203 -10.32 -20.43 7.35
N CYS D 204 -9.00 -20.34 7.39
CA CYS D 204 -8.19 -21.08 8.35
C CYS D 204 -7.82 -20.20 9.53
N TRP D 205 -8.09 -20.70 10.73
CA TRP D 205 -7.98 -19.96 11.99
C TRP D 205 -6.93 -20.56 12.90
N ALA D 206 -6.15 -19.68 13.52
CA ALA D 206 -5.25 -20.03 14.62
C ALA D 206 -5.58 -19.14 15.84
N LEU D 207 -5.80 -19.78 16.99
CA LEU D 207 -6.24 -19.06 18.19
C LEU D 207 -5.49 -19.50 19.45
N GLY D 208 -5.42 -18.61 20.42
CA GLY D 208 -4.89 -18.96 21.72
C GLY D 208 -3.42 -19.32 21.74
N PHE D 209 -2.65 -18.78 20.79
CA PHE D 209 -1.22 -19.11 20.70
C PHE D 209 -0.27 -18.06 21.31
N TYR D 210 0.86 -18.54 21.79
CA TYR D 210 1.97 -17.71 22.27
C TYR D 210 3.26 -18.50 22.09
N PRO D 211 4.32 -17.87 21.56
CA PRO D 211 4.47 -16.45 21.22
C PRO D 211 3.72 -16.04 19.96
N ALA D 212 3.78 -14.75 19.61
CA ALA D 212 2.96 -14.22 18.51
C ALA D 212 3.40 -14.62 17.12
N GLU D 213 4.66 -15.01 16.96
CA GLU D 213 5.16 -15.39 15.64
C GLU D 213 4.47 -16.66 15.19
N ILE D 214 3.98 -16.67 13.95
CA ILE D 214 3.24 -17.79 13.39
C ILE D 214 3.25 -17.69 11.87
N THR D 215 3.13 -18.81 11.18
CA THR D 215 2.94 -18.80 9.73
C THR D 215 1.71 -19.58 9.31
N LEU D 216 0.82 -18.92 8.56
CA LEU D 216 -0.40 -19.53 8.05
C LEU D 216 -0.43 -19.41 6.53
N THR D 217 -0.41 -20.53 5.83
CA THR D 217 -0.47 -20.45 4.37
C THR D 217 -1.51 -21.37 3.75
N TRP D 218 -2.09 -20.94 2.65
CA TRP D 218 -2.99 -21.78 1.89
C TRP D 218 -2.28 -22.24 0.63
N GLN D 219 -2.51 -23.50 0.25
CA GLN D 219 -2.07 -23.95 -1.07
C GLN D 219 -3.07 -24.86 -1.80
N ARG D 220 -3.17 -24.63 -3.11
CA ARG D 220 -4.05 -25.38 -3.99
C ARG D 220 -3.23 -26.48 -4.63
N ASP D 221 -3.60 -27.74 -4.35
CA ASP D 221 -2.85 -28.93 -4.77
C ASP D 221 -1.49 -29.09 -4.08
N GLY D 222 -0.61 -28.10 -4.22
CA GLY D 222 0.65 -28.11 -3.52
C GLY D 222 1.43 -26.83 -3.74
N GLU D 223 0.77 -25.86 -4.38
CA GLU D 223 1.39 -24.59 -4.74
C GLU D 223 0.74 -23.46 -3.97
N ASP D 224 1.55 -22.69 -3.25
CA ASP D 224 1.06 -21.59 -2.43
C ASP D 224 0.17 -20.60 -3.18
N GLN D 225 -0.78 -20.01 -2.46
CA GLN D 225 -1.72 -19.07 -3.04
C GLN D 225 -1.38 -17.68 -2.52
N THR D 226 -0.08 -17.51 -2.25
CA THR D 226 0.45 -16.36 -1.53
C THR D 226 0.21 -15.02 -2.22
N GLN D 227 -0.66 -15.00 -3.23
CA GLN D 227 -1.06 -13.75 -3.87
C GLN D 227 -2.58 -13.68 -3.96
N ASP D 228 -3.25 -14.77 -3.58
CA ASP D 228 -4.71 -14.81 -3.52
C ASP D 228 -5.29 -15.00 -2.10
N THR D 229 -4.45 -15.30 -1.12
CA THR D 229 -4.92 -15.48 0.26
C THR D 229 -5.06 -14.14 0.97
N GLU D 230 -6.24 -13.89 1.54
CA GLU D 230 -6.42 -12.74 2.41
C GLU D 230 -5.84 -13.14 3.76
N LEU D 231 -5.12 -12.23 4.39
CA LEU D 231 -4.34 -12.56 5.56
C LEU D 231 -4.39 -11.40 6.56
N VAL D 232 -5.14 -11.53 7.64
CA VAL D 232 -5.21 -10.47 8.63
C VAL D 232 -3.94 -10.42 9.49
N GLU D 233 -3.74 -9.28 10.13
CA GLU D 233 -2.55 -9.06 10.94
C GLU D 233 -2.74 -9.81 12.27
N THR D 234 -1.67 -10.41 12.78
CA THR D 234 -1.74 -11.12 14.04
C THR D 234 -2.22 -10.17 15.13
N ARG D 235 -3.18 -10.62 15.94
CA ARG D 235 -3.88 -9.75 16.88
C ARG D 235 -3.94 -10.35 18.29
N PRO D 236 -3.87 -9.49 19.31
CA PRO D 236 -3.94 -9.99 20.69
C PRO D 236 -5.38 -10.32 21.08
N ALA D 237 -5.55 -11.38 21.86
CA ALA D 237 -6.87 -11.77 22.32
C ALA D 237 -7.23 -10.97 23.57
N GLY D 238 -6.21 -10.44 24.23
CA GLY D 238 -6.37 -9.65 25.44
C GLY D 238 -6.00 -10.44 26.69
N ASP D 239 -5.82 -11.74 26.53
CA ASP D 239 -5.48 -12.62 27.65
C ASP D 239 -4.01 -13.08 27.62
N GLY D 240 -3.23 -12.49 26.73
CA GLY D 240 -1.83 -12.86 26.60
C GLY D 240 -1.56 -13.78 25.42
N THR D 241 -2.63 -14.27 24.80
CA THR D 241 -2.47 -15.11 23.61
C THR D 241 -2.83 -14.30 22.36
N PHE D 242 -2.55 -14.87 21.20
CA PHE D 242 -2.79 -14.18 19.94
C PHE D 242 -3.70 -14.97 18.99
N GLN D 243 -4.17 -14.28 17.95
CA GLN D 243 -5.14 -14.83 17.02
C GLN D 243 -4.73 -14.42 15.61
N LYS D 244 -4.99 -15.28 14.63
CA LYS D 244 -4.77 -14.92 13.23
C LYS D 244 -5.65 -15.79 12.33
N TRP D 245 -5.98 -15.28 11.15
CA TRP D 245 -6.63 -16.11 10.15
C TRP D 245 -6.21 -15.78 8.71
N ALA D 246 -6.38 -16.77 7.84
CA ALA D 246 -6.07 -16.61 6.42
C ALA D 246 -7.22 -17.18 5.62
N ALA D 247 -7.64 -16.48 4.59
CA ALA D 247 -8.80 -16.93 3.81
C ALA D 247 -8.45 -17.03 2.33
N VAL D 248 -9.12 -17.95 1.63
CA VAL D 248 -9.07 -18.01 0.18
C VAL D 248 -10.48 -18.13 -0.38
N VAL D 249 -10.73 -17.54 -1.54
CA VAL D 249 -11.97 -17.83 -2.22
C VAL D 249 -11.72 -19.01 -3.14
N VAL D 250 -12.57 -20.03 -3.04
CA VAL D 250 -12.44 -21.23 -3.85
C VAL D 250 -13.72 -21.42 -4.67
N PRO D 251 -13.55 -21.91 -5.91
CA PRO D 251 -14.71 -22.28 -6.74
C PRO D 251 -15.46 -23.46 -6.12
N SER D 252 -16.79 -23.37 -6.08
CA SER D 252 -17.61 -24.45 -5.51
C SER D 252 -17.24 -25.80 -6.10
N GLY D 253 -16.92 -26.75 -5.22
CA GLY D 253 -16.56 -28.09 -5.64
C GLY D 253 -15.06 -28.33 -5.54
N GLU D 254 -14.29 -27.27 -5.37
CA GLU D 254 -12.84 -27.36 -5.36
C GLU D 254 -12.24 -27.41 -3.96
N GLU D 255 -13.09 -27.30 -2.94
CA GLU D 255 -12.65 -27.21 -1.55
C GLU D 255 -11.55 -28.21 -1.16
N GLN D 256 -11.64 -29.42 -1.71
CA GLN D 256 -10.76 -30.51 -1.31
C GLN D 256 -9.35 -30.39 -1.90
N ARG D 257 -9.18 -29.43 -2.81
CA ARG D 257 -7.89 -29.21 -3.44
C ARG D 257 -6.98 -28.41 -2.51
N TYR D 258 -7.59 -27.73 -1.54
CA TYR D 258 -6.85 -26.76 -0.73
C TYR D 258 -6.38 -27.31 0.61
N THR D 259 -5.20 -26.85 1.04
CA THR D 259 -4.68 -27.22 2.35
C THR D 259 -4.23 -25.96 3.08
N CYS D 260 -4.41 -25.97 4.40
CA CYS D 260 -3.93 -24.88 5.23
C CYS D 260 -2.79 -25.37 6.08
N HIS D 261 -1.73 -24.59 6.15
CA HIS D 261 -0.53 -25.01 6.84
C HIS D 261 -0.21 -24.02 7.96
N VAL D 262 0.09 -24.56 9.13
CA VAL D 262 0.37 -23.76 10.31
C VAL D 262 1.74 -24.11 10.87
N GLN D 263 2.62 -23.12 10.94
CA GLN D 263 3.90 -23.28 11.61
C GLN D 263 3.97 -22.38 12.84
N HIS D 264 4.29 -22.99 13.98
CA HIS D 264 4.39 -22.28 15.24
C HIS D 264 5.35 -22.99 16.17
N GLU D 265 6.11 -22.20 16.92
CA GLU D 265 7.11 -22.71 17.85
C GLU D 265 6.50 -23.70 18.84
N GLY D 266 5.20 -23.54 19.07
CA GLY D 266 4.50 -24.37 20.03
C GLY D 266 4.14 -25.76 19.53
N LEU D 267 4.36 -26.01 18.25
CA LEU D 267 3.98 -27.28 17.66
C LEU D 267 5.18 -28.19 17.49
N PRO D 268 5.08 -29.42 18.03
CA PRO D 268 6.12 -30.44 17.80
C PRO D 268 6.35 -30.64 16.31
N LYS D 269 5.31 -30.41 15.50
CA LYS D 269 5.45 -30.55 14.06
C LYS D 269 4.40 -29.62 13.44
N PRO D 270 4.68 -29.06 12.25
CA PRO D 270 3.70 -28.16 11.61
C PRO D 270 2.42 -28.90 11.22
N LEU D 271 1.31 -28.18 11.23
CA LEU D 271 0.00 -28.77 10.94
C LEU D 271 -0.41 -28.60 9.49
N THR D 272 -1.11 -29.60 8.96
CA THR D 272 -1.76 -29.51 7.67
C THR D 272 -3.25 -29.80 7.87
N LEU D 273 -4.09 -28.87 7.41
CA LEU D 273 -5.52 -28.92 7.64
C LEU D 273 -6.25 -28.98 6.31
N ARG D 274 -7.25 -29.85 6.24
CA ARG D 274 -7.99 -30.07 5.02
C ARG D 274 -9.49 -30.00 5.30
N TRP D 275 -10.23 -29.33 4.42
CA TRP D 275 -11.68 -29.26 4.55
C TRP D 275 -12.30 -30.63 4.31
N MET E 1 6.43 14.06 7.56
CA MET E 1 5.44 13.71 8.57
C MET E 1 4.54 12.62 8.03
N ILE E 2 5.09 11.41 7.90
CA ILE E 2 4.43 10.30 7.20
C ILE E 2 2.99 10.04 7.67
N GLN E 3 2.19 9.44 6.82
CA GLN E 3 0.82 9.08 7.20
C GLN E 3 0.50 7.65 6.82
N ARG E 4 -0.01 6.89 7.78
CA ARG E 4 -0.49 5.54 7.50
C ARG E 4 -1.87 5.34 8.12
N THR E 5 -2.77 4.75 7.34
CA THR E 5 -4.15 4.55 7.76
C THR E 5 -4.26 3.30 8.61
N PRO E 6 -5.09 3.34 9.66
CA PRO E 6 -5.17 2.18 10.55
C PRO E 6 -5.84 0.98 9.91
N LYS E 7 -5.46 -0.21 10.36
CA LYS E 7 -6.15 -1.42 9.98
C LYS E 7 -6.93 -1.84 11.20
N ILE E 8 -8.20 -2.11 11.00
CA ILE E 8 -9.14 -2.28 12.10
C ILE E 8 -9.65 -3.70 12.13
N GLN E 9 -9.55 -4.34 13.29
CA GLN E 9 -10.18 -5.64 13.47
C GLN E 9 -11.07 -5.58 14.69
N VAL E 10 -12.32 -5.98 14.55
CA VAL E 10 -13.21 -6.07 15.71
C VAL E 10 -13.60 -7.52 15.92
N TYR E 11 -13.45 -7.99 17.14
CA TYR E 11 -13.58 -9.42 17.41
C TYR E 11 -13.71 -9.65 18.90
N SER E 12 -14.04 -10.89 19.27
CA SER E 12 -14.20 -11.23 20.68
C SER E 12 -13.01 -12.06 21.14
N ARG E 13 -12.67 -11.96 22.41
CA ARG E 13 -11.52 -12.68 22.96
C ARG E 13 -11.76 -14.17 22.79
N HIS E 14 -12.89 -14.64 23.31
CA HIS E 14 -13.33 -16.01 23.13
C HIS E 14 -14.48 -16.04 22.14
N PRO E 15 -14.67 -17.17 21.44
CA PRO E 15 -15.80 -17.33 20.51
C PRO E 15 -17.13 -17.01 21.17
N ALA E 16 -17.99 -16.27 20.46
CA ALA E 16 -19.23 -15.77 21.05
C ALA E 16 -20.27 -16.84 21.36
N GLU E 17 -20.76 -16.84 22.60
CA GLU E 17 -21.97 -17.57 22.98
C GLU E 17 -22.90 -16.64 23.76
N ASN E 18 -24.14 -16.53 23.31
CA ASN E 18 -25.12 -15.66 23.96
C ASN E 18 -25.28 -15.96 25.45
N GLY E 19 -25.28 -14.90 26.26
CA GLY E 19 -25.45 -15.03 27.70
C GLY E 19 -24.18 -15.33 28.46
N LYS E 20 -23.06 -15.46 27.76
CA LYS E 20 -21.78 -15.69 28.43
C LYS E 20 -20.81 -14.50 28.33
N SER E 21 -20.35 -14.07 29.50
CA SER E 21 -19.42 -12.95 29.62
C SER E 21 -18.14 -13.18 28.81
N ASN E 22 -17.78 -12.16 28.04
CA ASN E 22 -16.67 -12.22 27.10
C ASN E 22 -16.00 -10.85 27.02
N PHE E 23 -15.13 -10.66 26.03
CA PHE E 23 -14.48 -9.37 25.84
C PHE E 23 -14.57 -8.97 24.38
N LEU E 24 -15.00 -7.74 24.13
CA LEU E 24 -15.04 -7.22 22.78
C LEU E 24 -13.80 -6.34 22.57
N ASN E 25 -13.15 -6.57 21.43
CA ASN E 25 -11.88 -5.95 21.10
C ASN E 25 -11.97 -5.21 19.78
N CYS E 26 -11.45 -4.00 19.75
CA CYS E 26 -11.11 -3.31 18.53
C CYS E 26 -9.61 -3.08 18.52
N TYR E 27 -8.93 -3.77 17.60
CA TYR E 27 -7.49 -3.65 17.47
C TYR E 27 -7.18 -2.83 16.24
N VAL E 28 -6.45 -1.74 16.43
CA VAL E 28 -6.06 -0.89 15.31
C VAL E 28 -4.55 -0.93 15.18
N SER E 29 -4.06 -1.11 13.96
CA SER E 29 -2.61 -1.31 13.79
C SER E 29 -2.11 -0.68 12.50
N GLY E 30 -0.80 -0.56 12.37
CA GLY E 30 -0.22 -0.04 11.15
C GLY E 30 -0.51 1.42 10.88
N PHE E 31 -0.82 2.20 11.94
CA PHE E 31 -1.17 3.60 11.72
C PHE E 31 -0.12 4.61 12.16
N HIS E 32 -0.17 5.80 11.55
CA HIS E 32 0.74 6.89 11.87
C HIS E 32 0.13 8.17 11.33
N PRO E 33 0.14 9.26 12.12
CA PRO E 33 0.69 9.37 13.48
C PRO E 33 -0.21 8.70 14.51
N SER E 34 0.10 8.89 15.79
CA SER E 34 -0.50 8.08 16.86
C SER E 34 -1.83 8.62 17.35
N ASP E 35 -2.10 9.90 17.11
CA ASP E 35 -3.38 10.51 17.47
C ASP E 35 -4.52 9.75 16.80
N ILE E 36 -5.37 9.12 17.60
CA ILE E 36 -6.48 8.33 17.08
C ILE E 36 -7.64 8.26 18.07
N GLU E 37 -8.86 8.14 17.56
CA GLU E 37 -10.04 7.99 18.41
C GLU E 37 -10.74 6.66 18.12
N VAL E 38 -10.98 5.89 19.16
CA VAL E 38 -11.60 4.59 19.00
C VAL E 38 -12.70 4.42 20.03
N ASP E 39 -13.91 4.17 19.57
CA ASP E 39 -15.03 3.92 20.46
C ASP E 39 -15.65 2.57 20.13
N LEU E 40 -16.09 1.86 21.15
CA LEU E 40 -16.92 0.67 20.93
C LEU E 40 -18.39 1.04 21.09
N LEU E 41 -19.21 0.60 20.15
CA LEU E 41 -20.61 0.96 20.11
C LEU E 41 -21.51 -0.24 20.37
N LYS E 42 -22.49 -0.06 21.25
CA LYS E 42 -23.53 -1.05 21.46
C LYS E 42 -24.83 -0.50 20.90
N ASN E 43 -25.24 -1.04 19.75
CA ASN E 43 -26.38 -0.52 19.00
C ASN E 43 -26.27 0.98 18.74
N GLY E 44 -25.08 1.42 18.31
CA GLY E 44 -24.85 2.81 17.99
C GLY E 44 -24.57 3.70 19.18
N GLU E 45 -24.65 3.14 20.38
CA GLU E 45 -24.42 3.90 21.60
C GLU E 45 -22.98 3.65 22.04
N ARG E 46 -22.21 4.72 22.19
CA ARG E 46 -20.85 4.60 22.70
C ARG E 46 -20.83 3.87 24.02
N ILE E 47 -20.04 2.80 24.12
CA ILE E 47 -19.84 2.14 25.40
C ILE E 47 -18.84 2.98 26.18
N GLU E 48 -19.10 3.22 27.46
CA GLU E 48 -18.32 4.18 28.22
C GLU E 48 -17.11 3.57 28.96
N LYS E 49 -17.27 2.35 29.47
CA LYS E 49 -16.17 1.69 30.17
C LYS E 49 -15.35 0.88 29.17
N VAL E 50 -14.56 1.60 28.38
CA VAL E 50 -13.66 1.00 27.41
C VAL E 50 -12.21 1.28 27.78
N GLU E 51 -11.42 0.22 27.97
CA GLU E 51 -10.00 0.42 28.26
C GLU E 51 -9.17 0.14 27.02
N HIS E 52 -7.92 0.59 27.03
CA HIS E 52 -7.00 0.28 25.94
C HIS E 52 -5.58 0.03 26.43
N SER E 53 -4.79 -0.65 25.59
CA SER E 53 -3.41 -0.98 25.91
C SER E 53 -2.54 0.25 25.83
N ASP E 54 -1.31 0.12 26.31
CA ASP E 54 -0.37 1.22 26.25
C ASP E 54 0.19 1.35 24.85
N LEU E 55 0.28 2.59 24.35
CA LEU E 55 0.79 2.83 23.01
C LEU E 55 2.14 2.15 22.77
N SER E 56 2.20 1.38 21.69
CA SER E 56 3.42 0.72 21.27
C SER E 56 3.43 0.72 19.74
N PHE E 57 4.49 0.18 19.13
CA PHE E 57 4.58 0.19 17.68
C PHE E 57 5.38 -0.99 17.14
N SER E 58 5.26 -1.22 15.83
CA SER E 58 5.94 -2.34 15.18
C SER E 58 7.29 -1.88 14.64
N LYS E 59 8.02 -2.82 14.04
CA LYS E 59 9.37 -2.57 13.56
C LYS E 59 9.42 -1.50 12.47
N ASP E 60 8.30 -1.35 11.74
CA ASP E 60 8.23 -0.32 10.69
C ASP E 60 7.82 1.03 11.27
N TRP E 61 7.79 1.12 12.60
CA TRP E 61 7.45 2.33 13.35
C TRP E 61 5.95 2.63 13.40
N SER E 62 5.12 1.77 12.81
CA SER E 62 3.68 1.99 12.81
C SER E 62 3.07 1.55 14.13
N PHE E 63 2.10 2.33 14.62
CA PHE E 63 1.51 2.11 15.94
C PHE E 63 0.41 1.06 15.95
N TYR E 64 0.18 0.47 17.13
CA TYR E 64 -0.97 -0.40 17.33
C TYR E 64 -1.55 -0.19 18.72
N LEU E 65 -2.86 -0.34 18.84
CA LEU E 65 -3.57 -0.23 20.11
C LEU E 65 -4.69 -1.25 20.15
N LEU E 66 -4.93 -1.80 21.32
CA LEU E 66 -6.07 -2.66 21.53
C LEU E 66 -7.02 -1.94 22.47
N TYR E 67 -8.23 -1.67 21.99
CA TYR E 67 -9.30 -1.18 22.84
C TYR E 67 -10.19 -2.36 23.15
N TYR E 68 -10.68 -2.44 24.38
CA TYR E 68 -11.46 -3.60 24.80
C TYR E 68 -12.43 -3.25 25.90
N THR E 69 -13.51 -4.02 25.99
CA THR E 69 -14.48 -3.89 27.06
C THR E 69 -15.13 -5.25 27.28
N GLU E 70 -15.35 -5.64 28.53
CA GLU E 70 -16.06 -6.89 28.73
C GLU E 70 -17.52 -6.70 28.44
N PHE E 71 -18.10 -7.63 27.70
CA PHE E 71 -19.52 -7.54 27.36
C PHE E 71 -20.17 -8.91 27.54
N THR E 72 -21.48 -8.96 27.31
CA THR E 72 -22.19 -10.24 27.33
C THR E 72 -23.03 -10.26 26.08
N PRO E 73 -22.54 -10.99 25.06
CA PRO E 73 -23.19 -11.00 23.75
C PRO E 73 -24.57 -11.61 23.80
N THR E 74 -25.48 -11.08 22.98
CA THR E 74 -26.81 -11.64 22.83
C THR E 74 -27.11 -11.62 21.32
N GLU E 75 -28.09 -12.42 20.91
CA GLU E 75 -28.45 -12.51 19.50
C GLU E 75 -28.99 -11.18 18.95
N LYS E 76 -29.50 -10.34 19.85
CA LYS E 76 -30.16 -9.09 19.46
C LYS E 76 -29.18 -7.92 19.29
N ASP E 77 -28.30 -7.73 20.28
CA ASP E 77 -27.44 -6.56 20.30
C ASP E 77 -26.39 -6.60 19.20
N GLU E 78 -26.16 -5.46 18.56
CA GLU E 78 -25.10 -5.39 17.56
C GLU E 78 -24.02 -4.44 18.04
N TYR E 79 -22.77 -4.86 17.89
CA TYR E 79 -21.64 -4.11 18.38
C TYR E 79 -20.78 -3.64 17.23
N ALA E 80 -20.08 -2.53 17.43
CA ALA E 80 -19.21 -2.02 16.37
C ALA E 80 -18.04 -1.29 16.96
N CYS E 81 -17.10 -0.93 16.09
CA CYS E 81 -15.98 -0.10 16.49
C CYS E 81 -15.92 1.08 15.56
N ARG E 82 -15.91 2.28 16.12
CA ARG E 82 -15.79 3.50 15.33
C ARG E 82 -14.40 4.07 15.52
N VAL E 83 -13.73 4.34 14.41
CA VAL E 83 -12.36 4.79 14.45
C VAL E 83 -12.23 6.07 13.63
N ASN E 84 -11.66 7.10 14.24
CA ASN E 84 -11.31 8.29 13.50
C ASN E 84 -9.82 8.57 13.60
N HIS E 85 -9.25 9.04 12.51
CA HIS E 85 -7.82 9.26 12.38
C HIS E 85 -7.63 10.22 11.21
N VAL E 86 -6.53 10.96 11.19
CA VAL E 86 -6.34 11.97 10.14
C VAL E 86 -6.30 11.39 8.73
N THR E 87 -5.98 10.11 8.60
CA THR E 87 -5.94 9.47 7.29
C THR E 87 -7.34 9.07 6.81
N LEU E 88 -8.33 9.17 7.69
CA LEU E 88 -9.69 8.79 7.33
C LEU E 88 -10.50 10.03 6.98
N SER E 89 -11.11 10.01 5.80
CA SER E 89 -11.93 11.12 5.34
C SER E 89 -13.12 11.37 6.27
N GLN E 90 -13.64 10.30 6.86
CA GLN E 90 -14.65 10.40 7.91
C GLN E 90 -14.52 9.19 8.83
N PRO E 91 -15.08 9.29 10.05
CA PRO E 91 -15.03 8.15 10.99
C PRO E 91 -15.41 6.83 10.35
N LYS E 92 -14.63 5.79 10.61
CA LYS E 92 -14.90 4.48 10.03
C LYS E 92 -15.53 3.59 11.08
N ILE E 93 -16.70 3.06 10.77
CA ILE E 93 -17.39 2.15 11.67
C ILE E 93 -17.31 0.75 11.09
N VAL E 94 -16.88 -0.20 11.91
CA VAL E 94 -16.72 -1.58 11.47
C VAL E 94 -17.53 -2.44 12.40
N LYS E 95 -18.48 -3.18 11.83
CA LYS E 95 -19.38 -4.01 12.63
C LYS E 95 -18.64 -5.20 13.18
N TRP E 96 -19.02 -5.62 14.38
CA TRP E 96 -18.53 -6.89 14.89
C TRP E 96 -19.25 -8.03 14.17
N ASP E 97 -18.62 -8.59 13.15
CA ASP E 97 -19.08 -9.82 12.57
C ASP E 97 -18.56 -10.88 13.51
N ARG E 98 -19.45 -11.59 14.21
CA ARG E 98 -18.99 -12.65 15.10
C ARG E 98 -18.34 -13.78 14.31
N ASP E 99 -17.22 -13.44 13.66
CA ASP E 99 -16.58 -14.26 12.64
C ASP E 99 -15.36 -13.52 12.06
N MET E 100 -15.61 -12.49 11.24
CA MET E 100 -14.60 -11.86 10.37
C MET E 100 -14.05 -12.85 9.36
N ARG F 1 15.67 -3.67 31.72
CA ARG F 1 16.41 -2.50 32.20
C ARG F 1 16.45 -1.39 31.14
N PHE F 2 15.75 -0.30 31.39
CA PHE F 2 15.66 0.80 30.42
C PHE F 2 17.02 1.38 30.07
N PRO F 3 17.22 1.73 28.79
CA PRO F 3 18.54 2.19 28.37
C PRO F 3 18.83 3.63 28.77
N LEU F 4 20.09 4.00 28.67
CA LEU F 4 20.48 5.39 28.77
C LEU F 4 20.54 5.91 27.34
N THR F 5 20.43 7.23 27.21
CA THR F 5 20.06 7.83 25.95
C THR F 5 20.81 9.16 25.81
N PHE F 6 21.08 9.57 24.57
CA PHE F 6 21.87 10.77 24.34
C PHE F 6 21.14 11.77 23.46
N GLY F 7 21.43 13.06 23.66
CA GLY F 7 20.77 14.13 22.95
C GLY F 7 21.18 14.21 21.49
N TRP F 8 20.24 14.64 20.65
CA TRP F 8 20.44 14.71 19.21
C TRP F 8 21.29 15.91 18.80
#